data_5BOV
#
_entry.id   5BOV
#
_cell.length_a   44.199
_cell.length_b   81.866
_cell.length_c   89.925
_cell.angle_alpha   101.000
_cell.angle_beta   106.900
_cell.angle_gamma   100.840
#
_symmetry.space_group_name_H-M   'P 1'
#
loop_
_entity.id
_entity.type
_entity.pdbx_description
1 polymer 'Putative epoxide hydrolase protein'
2 water water
#
_entity_poly.entity_id   1
_entity_poly.type   'polypeptide(L)'
_entity_poly.pdbx_seq_one_letter_code
;GAEDAGAFDKIQQIRAGDLNIGYVDIGPRDGQPVILLHGWPYDIQSYAQVAPALAQKGYRVIVPYLRGYGTTRFLSASTP
RNGQPSA(MSE)AADIVHL(MSE)DALNIRQADLAGFDWGARTADIVAALWPQRVKSLVSVSGYLISSQQIGEKPLPPQA
ELSWWYQFYFATPRGEAGYRQNTHDFAKFIWHQASPQWQFSDATFAKTARALDNPDHVAITISNYRWRLGLEKGEAKYAG
YEQRLAALPPITVPTITLEGANNGAPHPAPASYRAKFTGKYEHRDLPGAVGHNPPQEDPTAFVQAVVDADRL
;
_entity_poly.pdbx_strand_id   A,B,C,D
#
# COMPACT_ATOMS: atom_id res chain seq x y z
N ASP A 4 -35.28 -35.39 0.25
CA ASP A 4 -35.74 -34.16 -0.49
C ASP A 4 -35.07 -34.08 -1.89
N ALA A 5 -35.87 -34.37 -2.91
CA ALA A 5 -35.47 -34.20 -4.31
C ALA A 5 -35.02 -32.78 -4.72
N GLY A 6 -35.43 -31.79 -3.97
CA GLY A 6 -35.07 -30.43 -4.32
C GLY A 6 -33.92 -29.91 -3.50
N ALA A 7 -33.24 -30.75 -2.71
CA ALA A 7 -32.40 -30.13 -1.65
C ALA A 7 -31.22 -29.37 -2.18
N PHE A 8 -30.69 -29.89 -3.28
CA PHE A 8 -29.47 -29.27 -3.84
C PHE A 8 -29.82 -27.94 -4.49
N ASP A 9 -31.09 -27.65 -4.74
CA ASP A 9 -31.49 -26.37 -5.24
C ASP A 9 -31.83 -25.29 -4.17
N LYS A 10 -31.63 -25.59 -2.88
CA LYS A 10 -31.84 -24.60 -1.84
C LYS A 10 -30.48 -23.98 -1.58
N ILE A 11 -30.29 -22.77 -2.07
CA ILE A 11 -29.04 -22.05 -1.95
C ILE A 11 -29.07 -21.18 -0.71
N GLN A 12 -28.08 -21.39 0.16
CA GLN A 12 -27.94 -20.60 1.39
CA GLN A 12 -27.93 -20.57 1.38
C GLN A 12 -26.94 -19.49 1.15
N GLN A 13 -26.96 -18.49 2.01
CA GLN A 13 -26.09 -17.30 1.89
C GLN A 13 -25.50 -16.98 3.22
N ILE A 14 -24.22 -16.65 3.26
CA ILE A 14 -23.57 -16.29 4.54
C ILE A 14 -22.47 -15.28 4.33
N ARG A 15 -22.36 -14.32 5.25
CA ARG A 15 -21.24 -13.39 5.23
CA ARG A 15 -21.25 -13.38 5.24
C ARG A 15 -19.96 -14.10 5.63
N ALA A 16 -18.94 -13.98 4.81
CA ALA A 16 -17.69 -14.62 5.10
C ALA A 16 -16.58 -13.76 4.48
N GLY A 17 -15.81 -13.10 5.34
CA GLY A 17 -14.67 -12.32 4.87
C GLY A 17 -15.17 -11.15 4.04
N ASP A 18 -14.65 -11.06 2.83
CA ASP A 18 -15.08 -10.01 1.91
C ASP A 18 -16.29 -10.35 1.07
N LEU A 19 -16.87 -11.55 1.28
CA LEU A 19 -17.97 -12.03 0.46
C LEU A 19 -19.25 -12.30 1.22
N ASN A 20 -20.32 -12.34 0.47
CA ASN A 20 -21.51 -13.08 0.86
CA ASN A 20 -21.48 -13.08 0.87
C ASN A 20 -21.50 -14.33 -0.05
N ILE A 21 -21.24 -15.47 0.55
CA ILE A 21 -21.03 -16.67 -0.16
C ILE A 21 -22.35 -17.39 -0.32
N GLY A 22 -22.66 -17.79 -1.57
CA GLY A 22 -23.75 -18.69 -1.87
C GLY A 22 -23.32 -20.17 -1.85
N TYR A 23 -24.07 -21.02 -1.14
CA TYR A 23 -23.66 -22.43 -0.95
C TYR A 23 -24.81 -23.35 -0.71
N VAL A 24 -24.66 -24.61 -1.11
CA VAL A 24 -25.51 -25.70 -0.68
C VAL A 24 -24.94 -26.30 0.60
N ASP A 25 -25.86 -26.65 1.51
CA ASP A 25 -25.49 -27.29 2.78
C ASP A 25 -26.52 -28.39 3.05
N ILE A 26 -26.11 -29.62 2.81
CA ILE A 26 -27.02 -30.75 2.88
C ILE A 26 -26.40 -31.87 3.72
N GLY A 27 -27.25 -32.80 4.15
CA GLY A 27 -26.79 -33.87 5.00
C GLY A 27 -26.98 -33.60 6.46
N PRO A 28 -26.71 -34.61 7.28
CA PRO A 28 -26.98 -34.47 8.71
C PRO A 28 -26.16 -33.40 9.30
N ARG A 29 -26.72 -32.60 10.18
CA ARG A 29 -25.98 -31.49 10.78
C ARG A 29 -24.75 -31.92 11.58
N ASP A 30 -24.77 -33.12 12.16
CA ASP A 30 -23.61 -33.64 12.91
CA ASP A 30 -23.62 -33.62 12.95
C ASP A 30 -22.69 -34.51 12.09
N GLY A 31 -22.94 -34.58 10.81
CA GLY A 31 -22.14 -35.46 9.92
C GLY A 31 -20.78 -34.88 9.66
N GLN A 32 -19.83 -35.79 9.33
CA GLN A 32 -18.48 -35.37 8.95
C GLN A 32 -18.60 -34.33 7.86
N PRO A 33 -18.00 -33.14 8.05
CA PRO A 33 -18.10 -32.15 6.96
C PRO A 33 -17.19 -32.44 5.77
N VAL A 34 -17.73 -32.18 4.56
CA VAL A 34 -17.03 -32.24 3.30
C VAL A 34 -17.34 -30.96 2.53
N ILE A 35 -16.31 -30.31 1.98
CA ILE A 35 -16.46 -29.07 1.20
C ILE A 35 -15.97 -29.37 -0.20
N LEU A 36 -16.85 -29.16 -1.16
CA LEU A 36 -16.62 -29.56 -2.55
C LEU A 36 -16.49 -28.26 -3.33
N LEU A 37 -15.35 -28.14 -4.05
CA LEU A 37 -15.04 -26.89 -4.73
C LEU A 37 -14.94 -27.08 -6.23
N HIS A 38 -15.70 -26.26 -6.97
CA HIS A 38 -15.70 -26.36 -8.43
C HIS A 38 -14.54 -25.61 -9.07
N GLY A 39 -14.46 -25.76 -10.39
CA GLY A 39 -13.45 -25.14 -11.19
C GLY A 39 -14.01 -24.14 -12.18
N TRP A 40 -13.12 -23.75 -13.10
CA TRP A 40 -13.46 -22.72 -14.15
C TRP A 40 -13.59 -23.45 -15.52
N PRO A 41 -14.60 -23.14 -16.34
CA PRO A 41 -15.75 -22.30 -16.03
C PRO A 41 -16.97 -23.14 -15.70
N TYR A 42 -16.93 -23.70 -14.49
CA TYR A 42 -17.95 -24.64 -14.01
C TYR A 42 -18.62 -24.05 -12.80
N ASP A 43 -19.49 -24.80 -12.13
CA ASP A 43 -20.07 -24.27 -10.89
C ASP A 43 -20.50 -25.39 -9.94
N ILE A 44 -21.30 -25.08 -8.94
CA ILE A 44 -21.74 -26.06 -7.96
C ILE A 44 -22.45 -27.29 -8.58
N GLN A 45 -23.02 -27.14 -9.79
CA GLN A 45 -23.67 -28.27 -10.41
C GLN A 45 -22.74 -29.43 -10.69
N SER A 46 -21.43 -29.17 -10.68
CA SER A 46 -20.45 -30.23 -10.78
C SER A 46 -20.63 -31.30 -9.65
N TYR A 47 -21.28 -30.89 -8.56
CA TYR A 47 -21.51 -31.75 -7.42
C TYR A 47 -22.96 -32.00 -7.16
N ALA A 48 -23.82 -31.83 -8.17
CA ALA A 48 -25.25 -32.05 -7.94
C ALA A 48 -25.58 -33.49 -7.70
N GLN A 49 -24.80 -34.43 -8.22
CA GLN A 49 -24.95 -35.86 -7.93
C GLN A 49 -24.04 -36.34 -6.82
N VAL A 50 -22.83 -35.84 -6.78
CA VAL A 50 -21.89 -36.22 -5.71
C VAL A 50 -22.42 -35.85 -4.35
N ALA A 51 -22.93 -34.63 -4.19
CA ALA A 51 -23.28 -34.15 -2.86
C ALA A 51 -24.43 -34.92 -2.21
N PRO A 52 -25.55 -35.20 -2.94
CA PRO A 52 -26.60 -35.90 -2.27
C PRO A 52 -26.19 -37.33 -1.97
N ALA A 53 -25.32 -37.92 -2.80
CA ALA A 53 -24.87 -39.28 -2.54
C ALA A 53 -24.06 -39.31 -1.25
N LEU A 54 -23.20 -38.36 -1.04
CA LEU A 54 -22.44 -38.25 0.25
C LEU A 54 -23.36 -37.98 1.42
N ALA A 55 -24.32 -37.09 1.22
CA ALA A 55 -25.28 -36.79 2.28
C ALA A 55 -26.04 -38.01 2.75
N GLN A 56 -26.45 -38.86 1.80
CA GLN A 56 -27.16 -40.14 2.12
C GLN A 56 -26.31 -41.14 2.84
N LYS A 57 -24.99 -41.04 2.71
CA LYS A 57 -24.03 -41.87 3.42
CA LYS A 57 -24.01 -41.86 3.42
C LYS A 57 -23.52 -41.24 4.73
N GLY A 58 -24.16 -40.16 5.17
CA GLY A 58 -23.98 -39.57 6.49
C GLY A 58 -22.97 -38.46 6.60
N TYR A 59 -22.53 -37.91 5.47
CA TYR A 59 -21.71 -36.72 5.47
C TYR A 59 -22.52 -35.45 5.45
N ARG A 60 -21.97 -34.39 6.07
CA ARG A 60 -22.50 -33.06 5.90
C ARG A 60 -21.73 -32.46 4.72
N VAL A 61 -22.46 -31.98 3.71
CA VAL A 61 -21.79 -31.51 2.47
C VAL A 61 -22.08 -30.04 2.19
N ILE A 62 -21.00 -29.27 2.04
CA ILE A 62 -21.03 -27.85 1.71
C ILE A 62 -20.50 -27.66 0.31
N VAL A 63 -21.29 -26.98 -0.53
CA VAL A 63 -20.86 -26.76 -1.93
C VAL A 63 -21.02 -25.26 -2.29
N PRO A 64 -19.95 -24.46 -2.19
CA PRO A 64 -20.04 -23.07 -2.42
C PRO A 64 -19.75 -22.63 -3.81
N TYR A 65 -20.39 -21.54 -4.23
CA TYR A 65 -19.93 -20.84 -5.43
C TYR A 65 -18.65 -20.10 -5.06
N LEU A 66 -17.59 -20.24 -5.85
CA LEU A 66 -16.41 -19.43 -5.68
C LEU A 66 -16.70 -17.91 -6.02
N ARG A 67 -15.83 -17.02 -5.55
CA ARG A 67 -15.89 -15.63 -5.97
C ARG A 67 -15.96 -15.57 -7.53
N GLY A 68 -16.87 -14.77 -8.04
CA GLY A 68 -17.09 -14.66 -9.47
C GLY A 68 -18.14 -15.62 -10.06
N TYR A 69 -18.87 -16.36 -9.22
CA TYR A 69 -19.85 -17.31 -9.69
C TYR A 69 -21.16 -17.27 -8.90
N GLY A 70 -22.25 -17.49 -9.64
CA GLY A 70 -23.53 -17.78 -8.99
C GLY A 70 -23.96 -16.62 -8.07
N THR A 71 -24.43 -17.00 -6.89
CA THR A 71 -24.90 -16.01 -5.94
C THR A 71 -23.82 -15.60 -4.91
N THR A 72 -22.56 -15.96 -5.13
CA THR A 72 -21.52 -15.43 -4.33
C THR A 72 -21.25 -13.98 -4.77
N ARG A 73 -21.17 -13.04 -3.83
CA ARG A 73 -21.00 -11.61 -4.22
CA ARG A 73 -21.01 -11.61 -4.21
C ARG A 73 -20.01 -10.96 -3.27
N PHE A 74 -19.37 -9.92 -3.74
CA PHE A 74 -18.54 -9.08 -2.86
C PHE A 74 -19.48 -8.19 -2.01
N LEU A 75 -19.12 -8.04 -0.75
CA LEU A 75 -19.88 -7.18 0.17
C LEU A 75 -19.76 -5.72 -0.20
N SER A 76 -18.61 -5.32 -0.73
CA SER A 76 -18.30 -3.89 -1.02
C SER A 76 -17.88 -3.73 -2.46
N ALA A 77 -18.49 -2.74 -3.11
CA ALA A 77 -18.13 -2.38 -4.47
C ALA A 77 -16.66 -2.04 -4.67
N SER A 78 -16.00 -1.55 -3.61
CA SER A 78 -14.61 -1.12 -3.68
CA SER A 78 -14.60 -1.13 -3.71
C SER A 78 -13.60 -2.25 -3.53
N THR A 79 -14.04 -3.46 -3.12
CA THR A 79 -13.12 -4.60 -3.01
C THR A 79 -12.63 -5.02 -4.41
N PRO A 80 -11.30 -5.18 -4.59
CA PRO A 80 -10.81 -5.62 -5.85
C PRO A 80 -11.39 -7.00 -6.22
N ARG A 81 -11.78 -7.11 -7.48
CA ARG A 81 -12.29 -8.40 -8.04
C ARG A 81 -11.05 -9.25 -8.40
N ASN A 82 -10.44 -9.80 -7.36
CA ASN A 82 -9.11 -10.40 -7.40
C ASN A 82 -9.22 -11.91 -7.49
N GLY A 83 -8.66 -12.48 -8.57
CA GLY A 83 -8.57 -13.93 -8.76
C GLY A 83 -7.27 -14.61 -8.39
N GLN A 84 -6.45 -13.99 -7.53
CA GLN A 84 -5.18 -14.68 -7.18
C GLN A 84 -5.46 -15.89 -6.28
N PRO A 85 -4.59 -16.88 -6.30
CA PRO A 85 -4.95 -18.17 -5.71
C PRO A 85 -5.25 -18.10 -4.23
N SER A 86 -4.43 -17.40 -3.43
CA SER A 86 -4.65 -17.45 -2.01
C SER A 86 -5.92 -16.72 -1.56
N ALA A 87 -6.46 -15.84 -2.40
CA ALA A 87 -7.70 -15.12 -2.08
C ALA A 87 -8.85 -16.12 -1.98
N MSE A 88 -8.91 -17.09 -2.89
CA MSE A 88 -9.94 -18.08 -2.86
C MSE A 88 -9.77 -19.02 -1.70
O MSE A 88 -10.77 -19.42 -1.09
CB MSE A 88 -10.00 -18.86 -4.17
CG MSE A 88 -10.29 -17.87 -5.32
SE MSE A 88 -10.47 -18.87 -6.98
CE MSE A 88 -10.07 -17.36 -8.21
N ALA A 89 -8.53 -19.40 -1.37
CA ALA A 89 -8.29 -20.21 -0.19
C ALA A 89 -8.75 -19.49 1.08
N ALA A 90 -8.42 -18.19 1.19
CA ALA A 90 -8.87 -17.41 2.33
C ALA A 90 -10.39 -17.38 2.43
N ASP A 91 -11.09 -17.29 1.26
CA ASP A 91 -12.53 -17.27 1.22
C ASP A 91 -13.09 -18.58 1.89
N ILE A 92 -12.47 -19.70 1.57
CA ILE A 92 -12.93 -20.97 2.11
C ILE A 92 -12.73 -21.09 3.60
N VAL A 93 -11.59 -20.60 4.09
CA VAL A 93 -11.31 -20.61 5.51
C VAL A 93 -12.34 -19.67 6.22
N HIS A 94 -12.61 -18.48 5.65
CA HIS A 94 -13.65 -17.62 6.23
C HIS A 94 -15.02 -18.29 6.22
N LEU A 95 -15.32 -19.07 5.17
CA LEU A 95 -16.61 -19.82 5.15
C LEU A 95 -16.63 -20.85 6.25
N MSE A 96 -15.54 -21.58 6.44
CA MSE A 96 -15.45 -22.62 7.49
C MSE A 96 -15.67 -21.97 8.83
O MSE A 96 -16.48 -22.45 9.68
CB MSE A 96 -14.11 -23.36 7.42
CG MSE A 96 -14.12 -24.36 6.23
SE MSE A 96 -12.32 -25.14 6.12
CE MSE A 96 -12.65 -26.36 7.54
N ASP A 97 -14.95 -20.87 9.07
CA ASP A 97 -15.16 -20.14 10.30
C ASP A 97 -16.62 -19.68 10.51
N ALA A 98 -17.23 -19.13 9.47
CA ALA A 98 -18.57 -18.61 9.59
C ALA A 98 -19.60 -19.72 9.89
N LEU A 99 -19.33 -20.92 9.38
CA LEU A 99 -20.13 -22.11 9.64
C LEU A 99 -19.77 -22.87 10.91
N ASN A 100 -18.75 -22.42 11.62
CA ASN A 100 -18.26 -23.12 12.80
C ASN A 100 -17.77 -24.53 12.52
N ILE A 101 -17.06 -24.67 11.40
CA ILE A 101 -16.53 -25.95 10.97
C ILE A 101 -15.04 -25.88 11.28
N ARG A 102 -14.59 -26.65 12.26
CA ARG A 102 -13.17 -26.68 12.63
C ARG A 102 -12.30 -27.43 11.62
N GLN A 103 -12.81 -28.52 11.08
CA GLN A 103 -12.06 -29.33 10.14
C GLN A 103 -13.01 -30.00 9.15
N ALA A 104 -12.61 -30.11 7.86
CA ALA A 104 -13.45 -30.76 6.87
C ALA A 104 -12.59 -31.59 5.93
N ASP A 105 -13.21 -32.57 5.27
CA ASP A 105 -12.65 -33.15 4.07
C ASP A 105 -12.85 -32.15 2.92
N LEU A 106 -11.81 -31.93 2.12
CA LEU A 106 -11.91 -31.02 0.97
C LEU A 106 -11.71 -31.79 -0.30
N ALA A 107 -12.43 -31.38 -1.34
CA ALA A 107 -12.26 -32.00 -2.67
C ALA A 107 -12.46 -30.93 -3.73
N GLY A 108 -11.68 -31.00 -4.80
CA GLY A 108 -11.84 -30.03 -5.83
C GLY A 108 -11.22 -30.45 -7.16
N PHE A 109 -11.60 -29.72 -8.21
CA PHE A 109 -10.92 -29.80 -9.51
C PHE A 109 -10.66 -28.39 -10.03
N ASP A 110 -9.60 -28.25 -10.85
CA ASP A 110 -9.21 -27.00 -11.47
C ASP A 110 -9.06 -25.92 -10.40
N TRP A 111 -9.65 -24.74 -10.50
CA TRP A 111 -9.47 -23.73 -9.43
C TRP A 111 -9.81 -24.30 -8.05
N GLY A 112 -10.83 -25.17 -7.98
CA GLY A 112 -11.19 -25.73 -6.73
C GLY A 112 -10.15 -26.68 -6.11
N ALA A 113 -9.45 -27.40 -6.96
CA ALA A 113 -8.35 -28.25 -6.52
C ALA A 113 -7.22 -27.38 -6.01
N ARG A 114 -6.84 -26.35 -6.80
CA ARG A 114 -5.83 -25.40 -6.36
C ARG A 114 -6.17 -24.78 -5.02
N THR A 115 -7.46 -24.40 -4.86
CA THR A 115 -7.90 -23.77 -3.67
C THR A 115 -7.83 -24.77 -2.46
N ALA A 116 -8.31 -26.00 -2.67
CA ALA A 116 -8.22 -26.99 -1.60
C ALA A 116 -6.78 -27.34 -1.25
N ASP A 117 -5.91 -27.44 -2.27
CA ASP A 117 -4.53 -27.67 -2.11
C ASP A 117 -3.92 -26.57 -1.15
N ILE A 118 -4.23 -25.31 -1.44
CA ILE A 118 -3.72 -24.22 -0.66
C ILE A 118 -4.22 -24.30 0.79
N VAL A 119 -5.50 -24.56 1.01
CA VAL A 119 -6.00 -24.69 2.37
C VAL A 119 -5.25 -25.78 3.09
N ALA A 120 -5.03 -26.93 2.43
CA ALA A 120 -4.34 -28.01 3.04
C ALA A 120 -2.88 -27.70 3.35
N ALA A 121 -2.23 -26.96 2.47
CA ALA A 121 -0.82 -26.63 2.69
C ALA A 121 -0.61 -25.57 3.77
N LEU A 122 -1.46 -24.56 3.79
CA LEU A 122 -1.24 -23.44 4.73
C LEU A 122 -1.97 -23.58 6.04
N TRP A 123 -3.12 -24.24 6.03
CA TRP A 123 -3.87 -24.52 7.25
C TRP A 123 -4.20 -26.01 7.36
N PRO A 124 -3.19 -26.88 7.46
CA PRO A 124 -3.46 -28.31 7.47
C PRO A 124 -4.41 -28.79 8.61
N GLN A 125 -4.41 -28.09 9.75
CA GLN A 125 -5.29 -28.51 10.85
C GLN A 125 -6.77 -28.42 10.45
N ARG A 126 -7.09 -27.62 9.44
CA ARG A 126 -8.48 -27.45 9.00
C ARG A 126 -8.89 -28.52 7.99
N VAL A 127 -7.94 -29.31 7.49
CA VAL A 127 -8.20 -30.25 6.39
C VAL A 127 -7.99 -31.69 6.85
N LYS A 128 -9.07 -32.43 7.03
CA LYS A 128 -8.96 -33.82 7.44
C LYS A 128 -8.32 -34.71 6.36
N SER A 129 -8.82 -34.60 5.13
CA SER A 129 -8.25 -35.31 3.99
C SER A 129 -8.64 -34.49 2.76
N LEU A 130 -7.97 -34.80 1.68
CA LEU A 130 -8.05 -34.07 0.42
C LEU A 130 -8.19 -34.96 -0.80
N VAL A 131 -9.15 -34.62 -1.68
CA VAL A 131 -9.23 -35.19 -3.00
C VAL A 131 -8.87 -34.07 -3.97
N SER A 132 -7.76 -34.24 -4.67
CA SER A 132 -7.25 -33.18 -5.57
C SER A 132 -7.15 -33.72 -6.98
N VAL A 133 -8.09 -33.32 -7.83
CA VAL A 133 -8.06 -33.77 -9.19
C VAL A 133 -6.89 -33.09 -9.95
N SER A 134 -6.13 -33.87 -10.66
CA SER A 134 -4.91 -33.41 -11.40
C SER A 134 -3.73 -33.09 -10.50
N GLY A 135 -3.78 -33.50 -9.23
CA GLY A 135 -2.59 -33.50 -8.42
C GLY A 135 -2.35 -32.18 -7.68
N TYR A 136 -1.09 -31.77 -7.73
CA TYR A 136 -0.64 -30.62 -6.93
C TYR A 136 -0.70 -29.43 -7.88
N LEU A 137 -1.62 -28.50 -7.60
CA LEU A 137 -1.89 -27.38 -8.50
C LEU A 137 -1.47 -26.01 -7.94
N ILE A 138 -0.70 -26.00 -6.86
CA ILE A 138 -0.14 -24.78 -6.35
C ILE A 138 1.04 -24.40 -7.28
N SER A 139 1.12 -23.12 -7.64
CA SER A 139 2.28 -22.68 -8.37
C SER A 139 2.55 -21.23 -7.97
N SER A 140 3.33 -20.52 -8.78
CA SER A 140 3.77 -19.20 -8.41
C SER A 140 3.83 -18.33 -9.66
N GLN A 141 3.93 -17.04 -9.49
CA GLN A 141 4.07 -16.12 -10.64
C GLN A 141 5.39 -16.36 -11.33
N GLN A 142 6.43 -16.62 -10.58
CA GLN A 142 7.74 -16.84 -11.18
C GLN A 142 7.71 -18.06 -12.12
N ILE A 143 7.03 -19.12 -11.70
CA ILE A 143 6.85 -20.27 -12.58
C ILE A 143 5.94 -19.96 -13.75
N GLY A 144 4.84 -19.23 -13.49
CA GLY A 144 3.88 -18.91 -14.51
C GLY A 144 4.42 -18.06 -15.67
N GLU A 145 5.49 -17.36 -15.41
CA GLU A 145 6.24 -16.59 -16.46
C GLU A 145 6.99 -17.47 -17.46
N LYS A 146 7.24 -18.74 -17.16
CA LYS A 146 8.15 -19.55 -17.97
C LYS A 146 7.34 -20.27 -19.04
N PRO A 147 7.86 -20.31 -20.27
CA PRO A 147 7.13 -20.95 -21.33
C PRO A 147 7.20 -22.48 -21.24
N LEU A 148 6.20 -23.12 -21.85
CA LEU A 148 6.08 -24.56 -22.05
C LEU A 148 6.24 -24.85 -23.50
N PRO A 149 6.30 -26.14 -23.89
CA PRO A 149 6.45 -26.44 -25.31
C PRO A 149 5.25 -25.92 -26.13
N PRO A 150 5.45 -25.60 -27.41
CA PRO A 150 4.39 -24.95 -28.21
C PRO A 150 3.02 -25.62 -28.10
N GLN A 151 2.96 -26.94 -28.15
CA GLN A 151 1.64 -27.60 -28.08
C GLN A 151 0.99 -27.54 -26.70
N ALA A 152 1.80 -27.45 -25.65
CA ALA A 152 1.28 -27.17 -24.33
C ALA A 152 0.71 -25.77 -24.20
N GLU A 153 1.36 -24.82 -24.87
CA GLU A 153 0.85 -23.44 -24.85
C GLU A 153 -0.46 -23.35 -25.57
N LEU A 154 -0.63 -24.11 -26.67
CA LEU A 154 -1.88 -24.16 -27.40
C LEU A 154 -3.01 -24.70 -26.51
N SER A 155 -2.69 -25.75 -25.76
CA SER A 155 -3.66 -26.26 -24.77
C SER A 155 -4.02 -25.24 -23.68
N TRP A 156 -3.18 -24.30 -23.39
CA TRP A 156 -3.46 -23.18 -22.44
C TRP A 156 -3.88 -21.84 -23.16
N TRP A 157 -4.31 -21.93 -24.39
CA TRP A 157 -4.48 -20.75 -25.30
C TRP A 157 -5.25 -19.60 -24.63
N TYR A 158 -6.32 -19.99 -23.93
CA TYR A 158 -7.23 -19.03 -23.38
C TYR A 158 -6.60 -18.13 -22.34
N GLN A 159 -5.59 -18.59 -21.62
CA GLN A 159 -5.02 -17.75 -20.60
C GLN A 159 -4.30 -16.59 -21.26
N PHE A 160 -3.69 -16.87 -22.38
CA PHE A 160 -3.01 -15.80 -23.18
C PHE A 160 -4.02 -14.87 -23.86
N TYR A 161 -5.13 -15.42 -24.37
CA TYR A 161 -6.23 -14.57 -24.81
C TYR A 161 -6.67 -13.57 -23.72
N PHE A 162 -6.89 -14.12 -22.50
CA PHE A 162 -7.38 -13.33 -21.35
C PHE A 162 -6.35 -12.24 -20.88
N ALA A 163 -5.11 -12.35 -21.31
CA ALA A 163 -4.10 -11.38 -20.95
C ALA A 163 -4.26 -10.06 -21.74
N THR A 164 -5.09 -10.05 -22.80
CA THR A 164 -5.29 -8.92 -23.67
C THR A 164 -6.63 -8.27 -23.47
N PRO A 165 -6.74 -6.96 -23.77
CA PRO A 165 -8.05 -6.34 -23.70
C PRO A 165 -9.05 -6.97 -24.64
N ARG A 166 -8.60 -7.40 -25.82
CA ARG A 166 -9.46 -8.14 -26.74
C ARG A 166 -10.04 -9.42 -26.11
N GLY A 167 -9.24 -10.13 -25.33
CA GLY A 167 -9.70 -11.31 -24.62
C GLY A 167 -10.71 -11.02 -23.55
N GLU A 168 -10.49 -9.99 -22.79
CA GLU A 168 -11.47 -9.57 -21.79
C GLU A 168 -12.80 -9.26 -22.49
N ALA A 169 -12.73 -8.46 -23.58
CA ALA A 169 -13.93 -8.12 -24.29
C ALA A 169 -14.65 -9.34 -24.91
N GLY A 170 -13.88 -10.27 -25.47
CA GLY A 170 -14.42 -11.49 -26.02
C GLY A 170 -15.13 -12.31 -24.96
N TYR A 171 -14.49 -12.42 -23.80
CA TYR A 171 -15.06 -13.27 -22.74
C TYR A 171 -16.33 -12.64 -22.22
N ARG A 172 -16.32 -11.33 -22.11
CA ARG A 172 -17.51 -10.59 -21.64
C ARG A 172 -18.64 -10.65 -22.65
N GLN A 173 -18.34 -10.41 -23.91
CA GLN A 173 -19.40 -10.43 -24.93
C GLN A 173 -19.97 -11.83 -25.22
N ASN A 174 -19.12 -12.86 -25.10
CA ASN A 174 -19.38 -14.20 -25.59
C ASN A 174 -19.21 -15.23 -24.42
N THR A 175 -19.62 -14.89 -23.20
CA THR A 175 -19.29 -15.74 -22.03
C THR A 175 -19.84 -17.14 -22.25
N HIS A 176 -21.14 -17.23 -22.56
CA HIS A 176 -21.75 -18.52 -22.74
C HIS A 176 -21.10 -19.38 -23.79
N ASP A 177 -20.95 -18.88 -25.01
CA ASP A 177 -20.31 -19.62 -26.06
C ASP A 177 -18.84 -19.98 -25.79
N PHE A 178 -18.15 -19.07 -25.16
CA PHE A 178 -16.74 -19.25 -24.87
C PHE A 178 -16.56 -20.36 -23.83
N ALA A 179 -17.36 -20.31 -22.77
CA ALA A 179 -17.26 -21.34 -21.75
C ALA A 179 -17.67 -22.68 -22.33
N LYS A 180 -18.70 -22.71 -23.17
CA LYS A 180 -19.13 -24.00 -23.71
C LYS A 180 -18.04 -24.63 -24.61
N PHE A 181 -17.37 -23.78 -25.42
CA PHE A 181 -16.27 -24.25 -26.21
C PHE A 181 -15.14 -24.82 -25.34
N ILE A 182 -14.85 -24.13 -24.23
CA ILE A 182 -13.89 -24.61 -23.32
C ILE A 182 -14.32 -26.00 -22.74
N TRP A 183 -15.59 -26.16 -22.35
CA TRP A 183 -16.01 -27.43 -21.83
C TRP A 183 -15.72 -28.58 -22.80
N HIS A 184 -16.02 -28.33 -24.07
CA HIS A 184 -15.82 -29.38 -25.11
C HIS A 184 -14.33 -29.62 -25.31
N GLN A 185 -13.49 -28.59 -25.25
CA GLN A 185 -12.04 -28.83 -25.37
C GLN A 185 -11.51 -29.66 -24.21
N ALA A 186 -12.01 -29.33 -23.02
CA ALA A 186 -11.43 -29.90 -21.77
C ALA A 186 -11.90 -31.32 -21.57
N SER A 187 -13.10 -31.66 -22.06
CA SER A 187 -13.63 -33.04 -21.91
C SER A 187 -14.21 -33.50 -23.25
N PRO A 188 -13.34 -33.71 -24.21
CA PRO A 188 -13.83 -34.02 -25.57
C PRO A 188 -14.77 -35.20 -25.74
N GLN A 189 -14.77 -36.15 -24.82
CA GLN A 189 -15.65 -37.29 -24.89
C GLN A 189 -16.86 -37.17 -23.94
N TRP A 190 -17.02 -36.03 -23.26
CA TRP A 190 -18.20 -35.83 -22.46
C TRP A 190 -19.34 -35.28 -23.32
N GLN A 191 -20.39 -36.08 -23.49
CA GLN A 191 -21.51 -35.66 -24.31
C GLN A 191 -22.56 -34.94 -23.46
N PHE A 192 -22.16 -33.84 -22.83
CA PHE A 192 -23.05 -33.08 -22.02
C PHE A 192 -24.15 -32.41 -22.82
N SER A 193 -25.32 -32.34 -22.23
CA SER A 193 -26.48 -31.78 -22.92
C SER A 193 -26.41 -30.27 -22.94
N ASP A 194 -27.14 -29.64 -23.87
CA ASP A 194 -27.22 -28.20 -23.84
C ASP A 194 -27.74 -27.67 -22.54
N ALA A 195 -28.73 -28.38 -21.97
CA ALA A 195 -29.33 -27.91 -20.70
C ALA A 195 -28.36 -28.03 -19.57
N THR A 196 -27.55 -29.06 -19.58
CA THR A 196 -26.53 -29.23 -18.55
C THR A 196 -25.63 -28.05 -18.60
N PHE A 197 -25.19 -27.67 -19.79
CA PHE A 197 -24.33 -26.53 -19.86
C PHE A 197 -25.04 -25.26 -19.41
N ALA A 198 -26.24 -25.05 -19.92
CA ALA A 198 -26.97 -23.85 -19.63
C ALA A 198 -27.24 -23.60 -18.17
N LYS A 199 -27.43 -24.68 -17.43
CA LYS A 199 -27.67 -24.56 -16.01
C LYS A 199 -26.47 -23.95 -15.27
N THR A 200 -25.26 -24.35 -15.64
CA THR A 200 -24.07 -23.73 -15.08
C THR A 200 -23.80 -22.36 -15.72
N ALA A 201 -24.10 -22.16 -16.99
CA ALA A 201 -23.87 -20.88 -17.64
C ALA A 201 -24.56 -19.74 -16.93
N ARG A 202 -25.73 -20.03 -16.35
CA ARG A 202 -26.43 -19.03 -15.60
C ARG A 202 -25.54 -18.42 -14.51
N ALA A 203 -24.76 -19.26 -13.82
CA ALA A 203 -23.89 -18.81 -12.77
C ALA A 203 -22.69 -18.04 -13.28
N LEU A 204 -22.31 -18.24 -14.56
CA LEU A 204 -21.27 -17.45 -15.18
C LEU A 204 -21.66 -16.06 -15.52
N ASP A 205 -22.97 -15.74 -15.44
CA ASP A 205 -23.46 -14.38 -15.69
C ASP A 205 -23.37 -13.52 -14.43
N ASN A 206 -22.83 -14.02 -13.34
CA ASN A 206 -22.47 -13.22 -12.20
C ASN A 206 -21.68 -11.99 -12.65
N PRO A 207 -22.01 -10.81 -12.09
CA PRO A 207 -21.38 -9.59 -12.61
C PRO A 207 -19.88 -9.45 -12.38
N ASP A 208 -19.33 -10.29 -11.50
CA ASP A 208 -17.90 -10.31 -11.29
C ASP A 208 -17.18 -11.44 -12.08
N HIS A 209 -17.93 -12.30 -12.80
CA HIS A 209 -17.30 -13.47 -13.34
C HIS A 209 -16.14 -13.16 -14.30
N VAL A 210 -16.38 -12.21 -15.18
CA VAL A 210 -15.33 -11.87 -16.15
C VAL A 210 -14.15 -11.34 -15.42
N ALA A 211 -14.38 -10.37 -14.51
CA ALA A 211 -13.27 -9.73 -13.84
C ALA A 211 -12.43 -10.78 -13.11
N ILE A 212 -13.09 -11.72 -12.42
CA ILE A 212 -12.38 -12.76 -11.64
C ILE A 212 -11.61 -13.67 -12.58
N THR A 213 -12.23 -14.06 -13.69
CA THR A 213 -11.59 -14.92 -14.65
C THR A 213 -10.30 -14.24 -15.18
N ILE A 214 -10.44 -13.02 -15.65
CA ILE A 214 -9.28 -12.32 -16.27
C ILE A 214 -8.17 -12.13 -15.22
N SER A 215 -8.57 -11.72 -14.03
CA SER A 215 -7.64 -11.56 -12.93
C SER A 215 -6.91 -12.88 -12.62
N ASN A 216 -7.65 -13.98 -12.47
CA ASN A 216 -7.04 -15.28 -12.23
C ASN A 216 -5.90 -15.59 -13.21
N TYR A 217 -6.19 -15.42 -14.51
CA TYR A 217 -5.23 -15.78 -15.55
C TYR A 217 -4.10 -14.72 -15.74
N ARG A 218 -4.42 -13.44 -15.51
CA ARG A 218 -3.36 -12.45 -15.51
C ARG A 218 -2.43 -12.65 -14.33
N TRP A 219 -2.98 -12.94 -13.14
CA TRP A 219 -2.08 -13.19 -12.02
C TRP A 219 -1.16 -14.37 -12.28
N ARG A 220 -1.70 -15.43 -12.87
CA ARG A 220 -0.97 -16.65 -13.06
C ARG A 220 0.25 -16.42 -13.98
N LEU A 221 0.10 -15.48 -14.93
CA LEU A 221 1.13 -15.13 -15.89
C LEU A 221 2.08 -14.05 -15.39
N GLY A 222 1.89 -13.60 -14.17
CA GLY A 222 2.74 -12.56 -13.60
C GLY A 222 2.39 -11.18 -14.10
N LEU A 223 1.17 -10.97 -14.61
CA LEU A 223 0.76 -9.71 -15.19
C LEU A 223 -0.08 -8.84 -14.30
N GLU A 224 -0.25 -9.26 -13.06
CA GLU A 224 -1.06 -8.52 -12.11
C GLU A 224 -0.35 -8.71 -10.80
N LYS A 225 -0.29 -7.67 -9.98
CA LYS A 225 0.23 -7.76 -8.65
C LYS A 225 -0.91 -8.11 -7.76
N GLY A 226 -0.73 -9.02 -6.84
CA GLY A 226 -1.87 -9.32 -5.98
C GLY A 226 -2.06 -8.23 -4.94
N GLU A 227 -2.97 -8.46 -4.01
CA GLU A 227 -3.19 -7.53 -2.90
C GLU A 227 -2.19 -7.79 -1.80
N ALA A 228 -1.89 -6.72 -1.08
CA ALA A 228 -0.95 -6.77 0.00
C ALA A 228 -1.32 -7.75 1.10
N LYS A 229 -2.60 -7.84 1.41
CA LYS A 229 -3.01 -8.76 2.47
C LYS A 229 -2.88 -10.26 2.15
N TYR A 230 -2.64 -10.59 0.86
CA TYR A 230 -2.41 -11.96 0.48
C TYR A 230 -0.94 -12.24 0.15
N ALA A 231 -0.08 -11.22 0.30
CA ALA A 231 1.30 -11.40 -0.20
C ALA A 231 2.05 -12.41 0.65
N GLY A 232 1.77 -12.46 1.94
CA GLY A 232 2.39 -13.43 2.85
C GLY A 232 2.06 -14.88 2.43
N TYR A 233 0.78 -15.10 2.13
CA TYR A 233 0.40 -16.43 1.68
C TYR A 233 1.10 -16.76 0.39
N GLU A 234 1.16 -15.84 -0.58
CA GLU A 234 1.74 -16.14 -1.86
C GLU A 234 3.23 -16.39 -1.71
N GLN A 235 3.86 -15.70 -0.78
CA GLN A 235 5.27 -15.99 -0.54
C GLN A 235 5.50 -17.42 -0.02
N ARG A 236 4.64 -17.90 0.89
CA ARG A 236 4.73 -19.24 1.40
C ARG A 236 4.46 -20.25 0.23
N LEU A 237 3.50 -19.91 -0.62
CA LEU A 237 3.09 -20.84 -1.69
C LEU A 237 4.15 -20.92 -2.76
N ALA A 238 4.92 -19.87 -2.95
CA ALA A 238 5.95 -19.88 -4.00
C ALA A 238 7.05 -20.87 -3.72
N ALA A 239 7.19 -21.28 -2.47
CA ALA A 239 8.13 -22.38 -2.11
C ALA A 239 7.63 -23.77 -2.51
N LEU A 240 6.39 -23.85 -3.00
CA LEU A 240 5.75 -25.11 -3.34
C LEU A 240 5.75 -26.05 -2.13
N PRO A 241 5.14 -25.64 -1.05
CA PRO A 241 5.12 -26.45 0.14
C PRO A 241 4.38 -27.78 -0.06
N PRO A 242 4.82 -28.85 0.55
CA PRO A 242 4.11 -30.10 0.38
C PRO A 242 2.84 -30.16 1.21
N ILE A 243 1.93 -31.03 0.80
CA ILE A 243 0.68 -31.23 1.55
C ILE A 243 0.87 -32.45 2.41
N THR A 244 0.59 -32.30 3.69
CA THR A 244 0.88 -33.30 4.68
C THR A 244 -0.34 -34.19 5.04
N VAL A 245 -1.55 -33.76 4.61
CA VAL A 245 -2.77 -34.44 5.00
C VAL A 245 -3.06 -35.61 4.06
N PRO A 246 -3.81 -36.59 4.52
CA PRO A 246 -4.13 -37.73 3.64
C PRO A 246 -4.81 -37.25 2.34
N THR A 247 -4.29 -37.72 1.21
CA THR A 247 -4.73 -37.19 -0.10
C THR A 247 -4.91 -38.33 -1.08
N ILE A 248 -6.01 -38.27 -1.85
CA ILE A 248 -6.15 -39.02 -3.06
C ILE A 248 -6.17 -38.07 -4.23
N THR A 249 -5.29 -38.30 -5.20
CA THR A 249 -5.32 -37.57 -6.45
C THR A 249 -6.01 -38.44 -7.54
N LEU A 250 -6.70 -37.73 -8.45
CA LEU A 250 -7.46 -38.34 -9.51
C LEU A 250 -7.05 -37.77 -10.85
N GLU A 251 -7.11 -38.58 -11.92
CA GLU A 251 -6.99 -37.98 -13.22
C GLU A 251 -7.86 -38.80 -14.13
N GLY A 252 -8.33 -38.17 -15.19
CA GLY A 252 -9.17 -38.86 -16.20
C GLY A 252 -8.37 -39.14 -17.43
N ALA A 253 -8.66 -40.25 -18.12
CA ALA A 253 -7.91 -40.61 -19.33
C ALA A 253 -8.18 -39.73 -20.54
N ASN A 254 -9.31 -39.03 -20.54
CA ASN A 254 -9.63 -38.18 -21.68
C ASN A 254 -9.75 -36.72 -21.29
N ASN A 255 -8.86 -36.28 -20.43
CA ASN A 255 -8.77 -34.87 -20.06
C ASN A 255 -8.05 -34.08 -21.11
N GLY A 256 -8.73 -33.14 -21.73
CA GLY A 256 -8.11 -32.29 -22.74
C GLY A 256 -7.47 -31.03 -22.23
N ALA A 257 -7.71 -30.71 -20.97
CA ALA A 257 -7.16 -29.55 -20.34
C ALA A 257 -5.74 -29.88 -19.90
N PRO A 258 -4.90 -28.82 -19.76
CA PRO A 258 -3.50 -29.05 -19.39
C PRO A 258 -3.43 -29.65 -17.96
N HIS A 259 -2.63 -30.70 -17.81
CA HIS A 259 -2.48 -31.34 -16.51
C HIS A 259 -1.13 -32.00 -16.41
N PRO A 260 -0.58 -32.08 -15.16
CA PRO A 260 0.70 -32.80 -14.99
C PRO A 260 0.59 -34.29 -15.02
N ALA A 261 1.71 -34.93 -15.32
CA ALA A 261 1.77 -36.36 -15.22
C ALA A 261 1.78 -36.72 -13.72
N PRO A 262 1.00 -37.75 -13.34
CA PRO A 262 1.01 -38.16 -11.90
C PRO A 262 2.32 -38.40 -11.22
N ALA A 263 3.28 -39.05 -11.93
CA ALA A 263 4.58 -39.25 -11.26
C ALA A 263 5.21 -37.93 -10.83
N SER A 264 4.94 -36.87 -11.58
CA SER A 264 5.56 -35.56 -11.36
C SER A 264 5.20 -34.93 -10.04
N TYR A 265 4.03 -35.31 -9.50
CA TYR A 265 3.57 -34.69 -8.24
C TYR A 265 3.55 -35.66 -7.07
N ARG A 266 4.09 -36.86 -7.23
CA ARG A 266 4.03 -37.86 -6.12
C ARG A 266 4.63 -37.28 -4.82
N ALA A 267 5.77 -36.63 -4.97
CA ALA A 267 6.50 -36.20 -3.80
C ALA A 267 6.01 -34.88 -3.25
N LYS A 268 4.91 -34.34 -3.79
CA LYS A 268 4.30 -33.17 -3.17
C LYS A 268 3.32 -33.53 -2.09
N PHE A 269 3.07 -34.80 -1.85
CA PHE A 269 2.10 -35.22 -0.84
C PHE A 269 2.88 -36.14 0.14
N THR A 270 3.18 -35.60 1.31
CA THR A 270 4.09 -36.22 2.21
C THR A 270 3.45 -37.07 3.29
N GLY A 271 2.10 -37.09 3.34
CA GLY A 271 1.39 -37.97 4.23
C GLY A 271 0.88 -39.19 3.49
N LYS A 272 -0.23 -39.73 3.99
CA LYS A 272 -0.88 -40.85 3.36
C LYS A 272 -1.33 -40.41 2.00
N TYR A 273 -1.21 -41.32 1.03
CA TYR A 273 -1.39 -40.96 -0.40
C TYR A 273 -1.81 -42.10 -1.26
N GLU A 274 -2.67 -41.79 -2.23
CA GLU A 274 -3.00 -42.72 -3.31
C GLU A 274 -3.32 -41.91 -4.54
N HIS A 275 -2.86 -42.39 -5.67
CA HIS A 275 -3.26 -41.82 -6.94
C HIS A 275 -4.20 -42.77 -7.68
N ARG A 276 -5.24 -42.24 -8.31
CA ARG A 276 -6.17 -43.05 -9.12
CA ARG A 276 -6.17 -43.05 -9.08
C ARG A 276 -6.41 -42.46 -10.48
N ASP A 277 -6.11 -43.27 -11.49
CA ASP A 277 -6.47 -42.94 -12.87
C ASP A 277 -7.86 -43.44 -13.02
N LEU A 278 -8.76 -42.60 -13.42
CA LEU A 278 -10.13 -43.02 -13.65
C LEU A 278 -10.29 -43.56 -15.09
N PRO A 279 -10.72 -44.79 -15.24
CA PRO A 279 -10.90 -45.27 -16.65
C PRO A 279 -12.08 -44.60 -17.33
N GLY A 280 -11.96 -44.36 -18.65
CA GLY A 280 -13.09 -44.11 -19.50
C GLY A 280 -13.09 -42.79 -20.25
N ALA A 281 -14.27 -42.30 -20.50
CA ALA A 281 -14.45 -41.07 -21.25
C ALA A 281 -14.19 -39.86 -20.34
N VAL A 282 -13.70 -40.11 -19.10
CA VAL A 282 -13.61 -38.98 -18.05
C VAL A 282 -12.57 -37.99 -18.40
N GLY A 283 -12.97 -36.73 -18.44
CA GLY A 283 -12.18 -35.61 -18.78
C GLY A 283 -11.76 -34.74 -17.61
N HIS A 284 -11.94 -33.45 -17.78
CA HIS A 284 -11.48 -32.44 -16.88
C HIS A 284 -12.36 -32.24 -15.64
N ASN A 285 -13.58 -32.76 -15.68
CA ASN A 285 -14.53 -32.58 -14.54
C ASN A 285 -15.02 -33.94 -13.99
N PRO A 286 -14.14 -34.65 -13.28
CA PRO A 286 -14.55 -35.92 -12.73
C PRO A 286 -15.80 -35.93 -11.88
N PRO A 287 -15.99 -34.89 -11.04
CA PRO A 287 -17.22 -35.08 -10.24
C PRO A 287 -18.51 -35.01 -11.06
N GLN A 288 -18.52 -34.13 -12.06
CA GLN A 288 -19.74 -34.00 -12.85
C GLN A 288 -19.86 -35.21 -13.83
N GLU A 289 -18.74 -35.64 -14.38
CA GLU A 289 -18.69 -36.67 -15.44
C GLU A 289 -18.74 -38.06 -14.88
N ASP A 290 -18.19 -38.32 -13.71
CA ASP A 290 -18.12 -39.61 -13.08
C ASP A 290 -18.38 -39.51 -11.55
N PRO A 291 -19.57 -39.09 -11.19
CA PRO A 291 -19.88 -38.84 -9.78
C PRO A 291 -19.71 -40.11 -8.89
N THR A 292 -20.00 -41.29 -9.43
CA THR A 292 -19.80 -42.53 -8.63
C THR A 292 -18.36 -42.68 -8.19
N ALA A 293 -17.42 -42.54 -9.12
CA ALA A 293 -16.04 -42.70 -8.79
C ALA A 293 -15.58 -41.54 -7.88
N PHE A 294 -16.13 -40.36 -8.07
CA PHE A 294 -15.69 -39.26 -7.26
C PHE A 294 -16.15 -39.43 -5.80
N VAL A 295 -17.41 -39.79 -5.62
CA VAL A 295 -17.89 -40.14 -4.30
C VAL A 295 -17.00 -41.21 -3.61
N GLN A 296 -16.67 -42.24 -4.33
CA GLN A 296 -15.79 -43.32 -3.78
C GLN A 296 -14.46 -42.74 -3.33
N ALA A 297 -13.89 -41.84 -4.15
CA ALA A 297 -12.66 -41.19 -3.75
C ALA A 297 -12.75 -40.34 -2.47
N VAL A 298 -13.84 -39.63 -2.30
CA VAL A 298 -14.04 -38.83 -1.07
C VAL A 298 -14.18 -39.75 0.13
N VAL A 299 -14.97 -40.80 -0.01
CA VAL A 299 -15.16 -41.76 1.11
C VAL A 299 -13.79 -42.42 1.46
N ASP A 300 -13.04 -42.82 0.43
CA ASP A 300 -11.74 -43.47 0.62
C ASP A 300 -10.72 -42.54 1.24
N ALA A 301 -10.70 -41.28 0.80
CA ALA A 301 -9.76 -40.34 1.39
C ALA A 301 -10.09 -40.04 2.84
N ASP A 302 -11.39 -40.02 3.15
CA ASP A 302 -11.85 -39.74 4.50
C ASP A 302 -11.41 -40.87 5.51
N ARG A 303 -11.13 -42.06 5.01
CA ARG A 303 -10.56 -43.12 5.83
C ARG A 303 -9.11 -43.48 5.64
N LEU A 304 -8.41 -42.83 4.74
CA LEU A 304 -7.03 -43.20 4.37
C LEU A 304 -6.10 -42.93 5.53
N GLU B 3 -2.90 4.39 7.60
CA GLU B 3 -2.43 5.42 6.64
C GLU B 3 -3.55 6.44 6.35
N ASP B 4 -3.34 7.69 6.78
CA ASP B 4 -4.03 8.82 6.19
C ASP B 4 -3.20 9.17 4.94
N ALA B 5 -3.75 8.83 3.79
CA ALA B 5 -3.14 9.13 2.47
C ALA B 5 -3.03 10.63 2.18
N GLY B 6 -3.67 11.45 2.96
CA GLY B 6 -3.49 12.89 2.78
C GLY B 6 -2.42 13.52 3.62
N ALA B 7 -1.73 12.74 4.45
CA ALA B 7 -0.91 13.43 5.46
C ALA B 7 0.30 14.18 4.90
N PHE B 8 0.87 13.62 3.87
CA PHE B 8 2.00 14.25 3.18
C PHE B 8 1.70 15.60 2.56
N ASP B 9 0.42 15.87 2.27
CA ASP B 9 0.08 17.16 1.74
C ASP B 9 -0.24 18.26 2.74
N LYS B 10 -0.13 17.97 4.03
CA LYS B 10 -0.34 18.98 5.03
C LYS B 10 0.99 19.59 5.34
N ILE B 11 1.21 20.82 4.89
CA ILE B 11 2.46 21.49 5.07
C ILE B 11 2.43 22.33 6.35
N GLN B 12 3.38 22.10 7.21
CA GLN B 12 3.54 22.88 8.44
CA GLN B 12 3.54 22.90 8.44
C GLN B 12 4.55 23.99 8.24
N GLN B 13 4.51 24.98 9.13
CA GLN B 13 5.40 26.12 9.08
C GLN B 13 5.97 26.36 10.45
N ILE B 14 7.26 26.67 10.55
CA ILE B 14 7.86 27.02 11.86
C ILE B 14 8.98 28.00 11.70
N ARG B 15 9.07 28.94 12.65
CA ARG B 15 10.20 29.84 12.72
CA ARG B 15 10.18 29.86 12.72
C ARG B 15 11.46 29.09 13.18
N ALA B 16 12.52 29.20 12.40
CA ALA B 16 13.76 28.48 12.69
C ALA B 16 14.94 29.25 12.14
N GLY B 17 15.70 29.85 13.07
CA GLY B 17 16.83 30.66 12.65
C GLY B 17 16.38 31.85 11.82
N ASP B 18 16.93 31.95 10.61
CA ASP B 18 16.61 33.09 9.73
C ASP B 18 15.38 32.82 8.81
N LEU B 19 14.78 31.62 8.96
CA LEU B 19 13.74 31.17 8.06
C LEU B 19 12.40 30.89 8.78
N ASN B 20 11.36 30.95 7.99
CA ASN B 20 10.11 30.23 8.33
CA ASN B 20 10.14 30.24 8.34
C ASN B 20 10.14 29.03 7.41
N ILE B 21 10.38 27.85 7.98
CA ILE B 21 10.53 26.64 7.21
C ILE B 21 9.23 25.97 6.99
N GLY B 22 8.96 25.59 5.74
CA GLY B 22 7.84 24.74 5.35
C GLY B 22 8.22 23.28 5.38
N TYR B 23 7.44 22.39 6.03
CA TYR B 23 7.84 21.00 6.17
C TYR B 23 6.68 20.07 6.39
N VAL B 24 6.82 18.83 5.97
CA VAL B 24 5.94 17.78 6.32
C VAL B 24 6.44 17.19 7.61
N ASP B 25 5.51 16.81 8.44
CA ASP B 25 5.78 16.13 9.71
C ASP B 25 4.72 15.05 9.93
N ILE B 26 5.10 13.82 9.68
CA ILE B 26 4.15 12.67 9.74
C ILE B 26 4.72 11.55 10.55
N GLY B 27 3.82 10.61 10.93
CA GLY B 27 4.21 9.52 11.75
C GLY B 27 3.97 9.77 13.21
N PRO B 28 4.17 8.74 14.01
CA PRO B 28 3.90 8.89 15.44
C PRO B 28 4.79 9.92 16.07
N ARG B 29 4.22 10.72 16.95
CA ARG B 29 5.02 11.79 17.61
C ARG B 29 6.22 11.27 18.36
N ASP B 30 6.13 10.07 18.94
CA ASP B 30 7.21 9.49 19.68
C ASP B 30 8.05 8.55 18.86
N GLY B 31 7.89 8.58 17.55
CA GLY B 31 8.68 7.67 16.69
C GLY B 31 10.12 8.17 16.55
N GLN B 32 11.03 7.28 16.13
CA GLN B 32 12.40 7.64 15.79
C GLN B 32 12.34 8.80 14.78
N PRO B 33 12.96 9.94 15.09
CA PRO B 33 12.97 10.98 14.07
C PRO B 33 13.90 10.72 12.90
N VAL B 34 13.39 11.06 11.71
CA VAL B 34 14.14 10.96 10.46
C VAL B 34 13.84 12.23 9.68
N ILE B 35 14.92 12.86 9.19
CA ILE B 35 14.81 14.11 8.45
C ILE B 35 15.35 13.80 7.00
N LEU B 36 14.50 14.04 6.02
CA LEU B 36 14.76 13.68 4.62
C LEU B 36 14.95 15.00 3.84
N LEU B 37 16.10 15.14 3.17
CA LEU B 37 16.47 16.36 2.57
C LEU B 37 16.63 16.26 1.08
N HIS B 38 15.90 17.09 0.35
CA HIS B 38 15.95 17.08 -1.11
C HIS B 38 17.14 17.82 -1.68
N GLY B 39 17.29 17.68 -2.97
CA GLY B 39 18.34 18.35 -3.74
C GLY B 39 17.83 19.40 -4.74
N TRP B 40 18.73 19.82 -5.61
CA TRP B 40 18.48 20.84 -6.67
C TRP B 40 18.38 20.17 -8.01
N PRO B 41 17.37 20.53 -8.87
CA PRO B 41 16.19 21.38 -8.60
C PRO B 41 14.95 20.51 -8.35
N TYR B 42 14.96 19.91 -7.17
CA TYR B 42 13.91 19.00 -6.71
C TYR B 42 13.24 19.59 -5.51
N ASP B 43 12.33 18.83 -4.88
CA ASP B 43 11.69 19.31 -3.67
C ASP B 43 11.23 18.20 -2.79
N ILE B 44 10.33 18.48 -1.84
CA ILE B 44 9.88 17.50 -0.91
C ILE B 44 9.13 16.32 -1.55
N GLN B 45 8.65 16.51 -2.78
CA GLN B 45 7.98 15.39 -3.46
C GLN B 45 8.91 14.22 -3.75
N SER B 46 10.23 14.47 -3.70
CA SER B 46 11.20 13.40 -3.76
C SER B 46 10.93 12.31 -2.73
N TYR B 47 10.30 12.68 -1.62
CA TYR B 47 10.02 11.79 -0.50
C TYR B 47 8.51 11.51 -0.31
N ALA B 48 7.70 11.83 -1.29
CA ALA B 48 6.25 11.62 -1.13
C ALA B 48 5.89 10.17 -0.97
N GLN B 49 6.69 9.22 -1.45
CA GLN B 49 6.48 7.80 -1.21
C GLN B 49 7.33 7.23 -0.07
N VAL B 50 8.56 7.72 0.05
CA VAL B 50 9.46 7.29 1.12
C VAL B 50 8.85 7.63 2.48
N ALA B 51 8.43 8.87 2.66
CA ALA B 51 8.03 9.33 3.99
C ALA B 51 6.83 8.57 4.58
N PRO B 52 5.76 8.36 3.77
CA PRO B 52 4.67 7.63 4.40
C PRO B 52 5.02 6.19 4.67
N ALA B 53 5.92 5.60 3.88
CA ALA B 53 6.37 4.27 4.14
C ALA B 53 7.11 4.17 5.44
N LEU B 54 7.93 5.18 5.74
CA LEU B 54 8.64 5.19 6.99
C LEU B 54 7.69 5.52 8.18
N ALA B 55 6.73 6.41 7.93
CA ALA B 55 5.74 6.68 8.98
C ALA B 55 4.95 5.45 9.38
N GLN B 56 4.60 4.64 8.40
CA GLN B 56 3.88 3.40 8.68
C GLN B 56 4.66 2.39 9.45
N LYS B 57 5.98 2.47 9.39
CA LYS B 57 6.91 1.64 10.15
C LYS B 57 7.17 2.18 11.54
N GLY B 58 6.57 3.31 11.86
CA GLY B 58 6.68 3.97 13.17
C GLY B 58 7.67 5.11 13.31
N TYR B 59 8.32 5.56 12.23
CA TYR B 59 9.21 6.68 12.32
C TYR B 59 8.43 7.96 12.34
N ARG B 60 9.02 9.00 12.94
CA ARG B 60 8.53 10.32 12.83
C ARG B 60 9.32 10.94 11.74
N VAL B 61 8.66 11.42 10.71
CA VAL B 61 9.37 11.81 9.50
C VAL B 61 9.15 13.30 9.20
N ILE B 62 10.25 14.02 9.10
CA ILE B 62 10.29 15.45 8.79
C ILE B 62 10.87 15.68 7.40
N VAL B 63 10.14 16.40 6.53
CA VAL B 63 10.60 16.62 5.16
C VAL B 63 10.46 18.10 4.87
N PRO B 64 11.56 18.88 5.00
CA PRO B 64 11.49 20.32 4.83
C PRO B 64 11.83 20.79 3.43
N TYR B 65 11.26 21.92 3.02
CA TYR B 65 11.75 22.63 1.88
C TYR B 65 13.00 23.31 2.32
N LEU B 66 14.09 23.17 1.51
CA LEU B 66 15.26 23.94 1.77
C LEU B 66 15.04 25.43 1.47
N ARG B 67 15.93 26.30 1.97
CA ARG B 67 15.90 27.69 1.59
C ARG B 67 15.87 27.80 0.08
N GLY B 68 15.01 28.69 -0.44
CA GLY B 68 14.80 28.80 -1.87
C GLY B 68 13.77 27.90 -2.53
N TYR B 69 12.99 27.16 -1.72
CA TYR B 69 12.01 26.24 -2.30
C TYR B 69 10.68 26.29 -1.54
N GLY B 70 9.59 26.12 -2.31
CA GLY B 70 8.29 25.88 -1.71
C GLY B 70 7.88 27.00 -0.78
N THR B 71 7.38 26.60 0.38
CA THR B 71 6.91 27.57 1.36
C THR B 71 7.94 27.91 2.41
N THR B 72 9.19 27.55 2.20
CA THR B 72 10.24 28.06 3.08
C THR B 72 10.52 29.47 2.67
N ARG B 73 10.59 30.40 3.60
CA ARG B 73 10.82 31.82 3.30
C ARG B 73 11.82 32.42 4.32
N PHE B 74 12.50 33.49 3.92
CA PHE B 74 13.33 34.27 4.84
C PHE B 74 12.42 35.18 5.68
N LEU B 75 12.72 35.26 6.95
CA LEU B 75 11.98 36.07 7.88
C LEU B 75 12.16 37.56 7.60
N SER B 76 13.34 37.95 7.15
CA SER B 76 13.68 39.35 6.91
C SER B 76 14.12 39.58 5.53
N ALA B 77 13.56 40.62 4.90
CA ALA B 77 13.97 41.01 3.56
C ALA B 77 15.43 41.33 3.40
N SER B 78 16.11 41.75 4.49
CA SER B 78 17.52 42.10 4.43
CA SER B 78 17.52 42.11 4.42
C SER B 78 18.47 40.94 4.60
N THR B 79 17.99 39.77 4.99
CA THR B 79 18.88 38.61 5.09
C THR B 79 19.38 38.18 3.69
N PRO B 80 20.71 37.97 3.55
CA PRO B 80 21.26 37.55 2.29
C PRO B 80 20.64 36.24 1.81
N ARG B 81 20.31 36.19 0.55
CA ARG B 81 19.81 34.95 -0.04
C ARG B 81 21.02 34.09 -0.39
N ASN B 82 21.51 33.43 0.65
CA ASN B 82 22.83 32.81 0.63
C ASN B 82 22.71 31.29 0.54
N GLY B 83 23.31 30.74 -0.51
CA GLY B 83 23.36 29.33 -0.78
C GLY B 83 24.60 28.60 -0.33
N GLN B 84 25.44 29.22 0.52
CA GLN B 84 26.69 28.52 0.94
C GLN B 84 26.30 27.25 1.76
N PRO B 85 27.15 26.23 1.74
CA PRO B 85 26.75 24.92 2.29
C PRO B 85 26.40 24.94 3.76
N SER B 86 27.21 25.62 4.59
CA SER B 86 26.94 25.54 6.02
C SER B 86 25.67 26.30 6.42
N ALA B 87 25.21 27.25 5.58
CA ALA B 87 23.96 27.93 5.87
C ALA B 87 22.79 26.98 5.88
N MSE B 88 22.75 26.06 4.90
CA MSE B 88 21.68 25.10 4.86
C MSE B 88 21.77 24.10 6.02
O MSE B 88 20.75 23.69 6.59
CB MSE B 88 21.65 24.31 3.53
CG MSE B 88 21.42 25.36 2.44
SE MSE B 88 21.27 24.40 0.72
CE MSE B 88 21.74 25.94 -0.44
N ALA B 89 22.98 23.68 6.39
CA ALA B 89 23.18 22.84 7.54
C ALA B 89 22.68 23.52 8.85
N ALA B 90 23.02 24.81 8.98
CA ALA B 90 22.56 25.53 10.12
C ALA B 90 21.04 25.57 10.17
N ASP B 91 20.39 25.75 9.00
CA ASP B 91 18.92 25.78 8.93
C ASP B 91 18.37 24.49 9.56
N ILE B 92 18.99 23.36 9.22
CA ILE B 92 18.47 22.10 9.67
C ILE B 92 18.65 21.92 11.17
N VAL B 93 19.78 22.34 11.74
CA VAL B 93 19.98 22.34 13.18
C VAL B 93 18.94 23.28 13.88
N HIS B 94 18.67 24.46 13.29
CA HIS B 94 17.64 25.33 13.85
C HIS B 94 16.27 24.69 13.80
N LEU B 95 15.97 23.94 12.72
CA LEU B 95 14.69 23.22 12.63
C LEU B 95 14.59 22.18 13.72
N MSE B 96 15.65 21.40 13.90
CA MSE B 96 15.65 20.37 14.96
C MSE B 96 15.44 20.99 16.28
O MSE B 96 14.62 20.49 17.08
CB MSE B 96 16.98 19.63 14.90
CG MSE B 96 17.02 18.69 13.66
SE MSE B 96 18.81 17.80 13.58
CE MSE B 96 18.45 16.56 14.96
N ASP B 97 16.15 22.08 16.55
CA ASP B 97 15.94 22.75 17.82
C ASP B 97 14.53 23.26 18.02
N ALA B 98 13.95 23.79 16.96
CA ALA B 98 12.59 24.33 17.03
C ALA B 98 11.56 23.24 17.25
N LEU B 99 11.84 22.05 16.78
CA LEU B 99 10.97 20.90 16.95
C LEU B 99 11.27 20.10 18.18
N ASN B 100 12.25 20.50 18.95
CA ASN B 100 12.72 19.74 20.12
C ASN B 100 13.19 18.37 19.84
N ILE B 101 13.86 18.22 18.70
CA ILE B 101 14.39 16.97 18.25
C ILE B 101 15.90 16.98 18.61
N ARG B 102 16.29 16.13 19.59
CA ARG B 102 17.70 16.09 20.01
C ARG B 102 18.62 15.39 19.02
N GLN B 103 18.11 14.32 18.40
CA GLN B 103 18.89 13.53 17.47
C GLN B 103 17.98 12.85 16.43
N ALA B 104 18.44 12.78 15.18
CA ALA B 104 17.61 12.19 14.12
C ALA B 104 18.48 11.35 13.18
N ASP B 105 17.84 10.39 12.47
CA ASP B 105 18.45 9.86 11.28
C ASP B 105 18.34 10.91 10.21
N LEU B 106 19.40 11.09 9.41
CA LEU B 106 19.34 12.03 8.31
C LEU B 106 19.57 11.31 6.97
N ALA B 107 18.87 11.75 5.94
CA ALA B 107 19.04 11.16 4.59
C ALA B 107 18.94 12.28 3.58
N GLY B 108 19.77 12.21 2.55
CA GLY B 108 19.66 13.23 1.50
C GLY B 108 20.32 12.83 0.18
N PHE B 109 19.97 13.60 -0.87
CA PHE B 109 20.66 13.56 -2.16
C PHE B 109 20.96 14.98 -2.65
N ASP B 110 22.04 15.12 -3.41
CA ASP B 110 22.51 16.39 -4.01
C ASP B 110 22.64 17.42 -2.86
N TRP B 111 22.07 18.63 -2.94
CA TRP B 111 22.24 19.60 -1.85
C TRP B 111 21.82 18.99 -0.50
N GLY B 112 20.86 18.12 -0.51
CA GLY B 112 20.40 17.49 0.73
C GLY B 112 21.41 16.54 1.35
N ALA B 113 22.14 15.80 0.49
CA ALA B 113 23.20 14.95 0.99
C ALA B 113 24.35 15.77 1.52
N ARG B 114 24.73 16.85 0.81
CA ARG B 114 25.77 17.75 1.32
C ARG B 114 25.38 18.31 2.68
N THR B 115 24.14 18.74 2.81
CA THR B 115 23.58 19.32 4.04
C THR B 115 23.62 18.32 5.18
N ALA B 116 23.15 17.09 4.92
CA ALA B 116 23.18 16.04 5.92
C ALA B 116 24.60 15.69 6.32
N ASP B 117 25.52 15.62 5.33
CA ASP B 117 26.92 15.32 5.59
C ASP B 117 27.50 16.35 6.56
N ILE B 118 27.19 17.60 6.29
CA ILE B 118 27.72 18.72 7.13
C ILE B 118 27.19 18.57 8.57
N VAL B 119 25.90 18.36 8.74
CA VAL B 119 25.33 18.19 10.08
C VAL B 119 26.03 17.04 10.78
N ALA B 120 26.24 15.93 10.07
CA ALA B 120 26.86 14.79 10.68
C ALA B 120 28.35 15.07 11.05
N ALA B 121 29.03 15.83 10.23
CA ALA B 121 30.45 16.14 10.51
C ALA B 121 30.65 17.21 11.59
N LEU B 122 29.82 18.22 11.62
CA LEU B 122 30.02 19.33 12.58
C LEU B 122 29.27 19.12 13.90
N TRP B 123 28.16 18.45 13.83
CA TRP B 123 27.33 18.18 15.02
C TRP B 123 26.92 16.71 15.11
N PRO B 124 27.87 15.84 15.25
CA PRO B 124 27.55 14.38 15.15
C PRO B 124 26.58 13.90 16.23
N GLN B 125 26.54 14.62 17.36
CA GLN B 125 25.56 14.19 18.44
C GLN B 125 24.14 14.28 17.97
N ARG B 126 23.86 15.13 16.98
CA ARG B 126 22.51 15.30 16.46
C ARG B 126 22.12 14.26 15.45
N VAL B 127 23.08 13.48 14.98
CA VAL B 127 22.85 12.57 13.85
C VAL B 127 23.00 11.12 14.29
N LYS B 128 21.90 10.42 14.37
CA LYS B 128 21.96 8.99 14.78
C LYS B 128 22.61 8.12 13.70
N SER B 129 22.20 8.32 12.47
CA SER B 129 22.79 7.61 11.32
C SER B 129 22.50 8.46 10.08
N LEU B 130 23.18 8.14 8.99
CA LEU B 130 23.18 8.91 7.78
C LEU B 130 23.01 8.04 6.55
N VAL B 131 22.16 8.50 5.60
CA VAL B 131 22.10 7.93 4.26
C VAL B 131 22.51 9.06 3.32
N SER B 132 23.64 8.89 2.66
CA SER B 132 24.20 9.97 1.82
C SER B 132 24.35 9.49 0.39
N VAL B 133 23.45 9.95 -0.46
CA VAL B 133 23.52 9.58 -1.85
C VAL B 133 24.71 10.26 -2.54
N SER B 134 25.49 9.45 -3.23
CA SER B 134 26.74 9.87 -3.94
C SER B 134 27.89 10.15 -3.00
N GLY B 135 27.81 9.68 -1.75
CA GLY B 135 28.96 9.66 -0.88
C GLY B 135 29.19 10.91 -0.07
N TYR B 136 30.47 11.31 -0.05
CA TYR B 136 30.91 12.46 0.75
C TYR B 136 30.93 13.69 -0.11
N LEU B 137 30.02 14.62 0.15
CA LEU B 137 29.78 15.76 -0.74
CA LEU B 137 29.79 15.76 -0.73
C LEU B 137 30.23 17.09 -0.13
N ILE B 138 30.89 17.03 0.99
CA ILE B 138 31.48 18.24 1.62
C ILE B 138 32.72 18.67 0.78
N SER B 139 32.80 19.97 0.45
CA SER B 139 33.99 20.44 -0.27
C SER B 139 34.31 21.86 0.23
N SER B 140 35.12 22.61 -0.51
CA SER B 140 35.57 23.92 -0.07
C SER B 140 35.69 24.84 -1.35
N GLN B 141 35.79 26.09 -1.11
CA GLN B 141 35.96 27.06 -2.21
C GLN B 141 37.35 26.82 -2.83
N GLN B 142 38.34 26.54 -2.01
CA GLN B 142 39.68 26.27 -2.57
C GLN B 142 39.67 25.11 -3.55
N ILE B 143 38.96 24.03 -3.21
CA ILE B 143 38.82 22.92 -4.09
C ILE B 143 37.99 23.30 -5.31
N GLY B 144 36.91 24.02 -5.08
CA GLY B 144 35.98 24.37 -6.18
C GLY B 144 36.58 25.25 -7.27
N GLU B 145 37.62 25.94 -6.90
CA GLU B 145 38.46 26.78 -7.86
C GLU B 145 39.30 25.93 -8.82
N LYS B 146 39.49 24.65 -8.56
CA LYS B 146 40.35 23.78 -9.36
C LYS B 146 39.58 23.11 -10.46
N PRO B 147 40.17 23.06 -11.66
CA PRO B 147 39.47 22.45 -12.79
C PRO B 147 39.50 20.95 -12.78
N LEU B 148 38.52 20.35 -13.40
CA LEU B 148 38.37 18.92 -13.62
C LEU B 148 38.63 18.60 -15.07
N PRO B 149 38.65 17.30 -15.44
CA PRO B 149 38.81 17.00 -16.84
C PRO B 149 37.64 17.53 -17.70
N PRO B 150 37.88 17.82 -18.98
CA PRO B 150 36.87 18.50 -19.82
C PRO B 150 35.46 17.86 -19.73
N GLN B 151 35.37 16.54 -19.84
CA GLN B 151 34.06 15.90 -19.76
C GLN B 151 33.37 16.05 -18.43
N ALA B 152 34.13 16.12 -17.37
CA ALA B 152 33.56 16.40 -16.05
C ALA B 152 33.01 17.80 -15.99
N GLU B 153 33.71 18.74 -16.63
CA GLU B 153 33.27 20.17 -16.63
C GLU B 153 31.98 20.24 -17.40
N LEU B 154 31.84 19.48 -18.48
CA LEU B 154 30.60 19.48 -19.25
C LEU B 154 29.43 18.97 -18.41
N SER B 155 29.72 17.91 -17.64
CA SER B 155 28.71 17.39 -16.70
C SER B 155 28.30 18.41 -15.66
N TRP B 156 29.16 19.34 -15.28
CA TRP B 156 28.86 20.43 -14.37
C TRP B 156 28.45 21.76 -15.11
N TRP B 157 28.06 21.67 -16.39
CA TRP B 157 28.00 22.87 -17.25
C TRP B 157 27.19 24.01 -16.57
N TYR B 158 26.06 23.63 -15.95
CA TYR B 158 25.15 24.61 -15.40
C TYR B 158 25.80 25.51 -14.35
N GLN B 159 26.75 25.01 -13.59
CA GLN B 159 27.33 25.82 -12.54
C GLN B 159 28.07 26.99 -13.17
N PHE B 160 28.73 26.72 -14.28
CA PHE B 160 29.41 27.77 -15.02
C PHE B 160 28.47 28.73 -15.70
N TYR B 161 27.39 28.22 -16.25
CA TYR B 161 26.29 29.10 -16.72
C TYR B 161 25.85 30.08 -15.63
N PHE B 162 25.58 29.55 -14.42
CA PHE B 162 25.05 30.33 -13.29
C PHE B 162 26.06 31.28 -12.73
N ALA B 163 27.33 31.15 -13.11
CA ALA B 163 28.36 32.11 -12.70
C ALA B 163 28.25 33.43 -13.47
N THR B 164 27.46 33.49 -14.54
CA THR B 164 27.33 34.67 -15.39
C THR B 164 25.97 35.34 -15.23
N PRO B 165 25.89 36.64 -15.48
CA PRO B 165 24.57 37.30 -15.50
C PRO B 165 23.62 36.70 -16.51
N ARG B 166 24.13 36.30 -17.69
CA ARG B 166 23.31 35.59 -18.63
C ARG B 166 22.66 34.32 -18.04
N GLY B 167 23.42 33.55 -17.27
CA GLY B 167 22.91 32.36 -16.62
C GLY B 167 21.83 32.63 -15.57
N GLU B 168 22.03 33.69 -14.79
CA GLU B 168 21.00 34.08 -13.83
C GLU B 168 19.72 34.43 -14.57
N ALA B 169 19.86 35.25 -15.63
CA ALA B 169 18.69 35.61 -16.42
C ALA B 169 18.01 34.43 -17.09
N GLY B 170 18.77 33.51 -17.60
CA GLY B 170 18.22 32.32 -18.24
C GLY B 170 17.45 31.46 -17.23
N TYR B 171 18.04 31.28 -16.07
CA TYR B 171 17.38 30.45 -15.07
C TYR B 171 16.09 31.10 -14.60
N ARG B 172 16.12 32.42 -14.42
CA ARG B 172 14.94 33.13 -14.00
C ARG B 172 13.88 33.13 -15.05
N GLN B 173 14.24 33.42 -16.28
CA GLN B 173 13.23 33.53 -17.38
CA GLN B 173 13.24 33.50 -17.38
C GLN B 173 12.65 32.16 -17.81
N ASN B 174 13.42 31.07 -17.64
CA ASN B 174 13.13 29.75 -18.19
C ASN B 174 13.16 28.65 -17.06
N THR B 175 12.70 28.99 -15.86
CA THR B 175 12.96 28.10 -14.69
C THR B 175 12.39 26.70 -14.95
N HIS B 176 11.11 26.65 -15.38
CA HIS B 176 10.44 25.40 -15.59
C HIS B 176 11.10 24.50 -16.63
N ASP B 177 11.40 25.09 -17.82
CA ASP B 177 12.09 24.32 -18.86
C ASP B 177 13.53 23.96 -18.49
N PHE B 178 14.21 24.87 -17.80
CA PHE B 178 15.61 24.65 -17.46
C PHE B 178 15.68 23.49 -16.45
N ALA B 179 14.83 23.54 -15.43
CA ALA B 179 14.89 22.50 -14.42
C ALA B 179 14.49 21.15 -15.00
N LYS B 180 13.52 21.14 -15.89
CA LYS B 180 13.10 19.89 -16.46
C LYS B 180 14.22 19.27 -17.32
N PHE B 181 14.93 20.12 -18.06
CA PHE B 181 16.04 19.67 -18.82
C PHE B 181 17.11 19.04 -17.90
N ILE B 182 17.37 19.71 -16.80
CA ILE B 182 18.34 19.20 -15.85
C ILE B 182 17.87 17.82 -15.32
N TRP B 183 16.56 17.67 -15.02
CA TRP B 183 16.11 16.39 -14.50
C TRP B 183 16.41 15.29 -15.50
N HIS B 184 16.13 15.55 -16.78
CA HIS B 184 16.40 14.54 -17.82
C HIS B 184 17.92 14.26 -17.97
N GLN B 185 18.78 15.28 -17.86
CA GLN B 185 20.22 15.04 -17.92
C GLN B 185 20.74 14.24 -16.78
N ALA B 186 20.15 14.50 -15.60
CA ALA B 186 20.63 13.89 -14.36
C ALA B 186 20.17 12.43 -14.20
N SER B 187 18.98 12.09 -14.75
CA SER B 187 18.43 10.75 -14.68
C SER B 187 17.90 10.41 -16.07
N PRO B 188 18.83 10.12 -17.00
CA PRO B 188 18.36 9.87 -18.38
C PRO B 188 17.44 8.71 -18.61
N GLN B 189 17.38 7.72 -17.71
CA GLN B 189 16.47 6.60 -17.85
C GLN B 189 15.24 6.71 -16.97
N TRP B 190 15.07 7.83 -16.28
CA TRP B 190 13.90 8.02 -15.48
C TRP B 190 12.78 8.62 -16.36
N GLN B 191 11.75 7.82 -16.57
CA GLN B 191 10.63 8.25 -17.42
C GLN B 191 9.58 8.94 -16.57
N PHE B 192 9.97 10.01 -15.90
CA PHE B 192 9.04 10.81 -15.15
C PHE B 192 7.97 11.45 -16.00
N SER B 193 6.79 11.53 -15.45
CA SER B 193 5.67 12.14 -16.15
C SER B 193 5.77 13.63 -16.11
N ASP B 194 5.07 14.28 -17.05
CA ASP B 194 5.00 15.72 -16.99
C ASP B 194 4.42 16.22 -15.69
N ALA B 195 3.39 15.53 -15.20
CA ALA B 195 2.77 15.98 -13.96
C ALA B 195 3.73 15.85 -12.77
N THR B 196 4.51 14.79 -12.74
CA THR B 196 5.51 14.63 -11.67
C THR B 196 6.41 15.84 -11.68
N PHE B 197 6.92 16.21 -12.85
CA PHE B 197 7.76 17.36 -12.89
C PHE B 197 7.08 18.62 -12.45
N ALA B 198 5.88 18.85 -13.01
CA ALA B 198 5.18 20.07 -12.72
C ALA B 198 4.80 20.28 -11.29
N LYS B 199 4.56 19.20 -10.59
CA LYS B 199 4.27 19.34 -9.14
C LYS B 199 5.47 19.94 -8.36
N THR B 200 6.68 19.48 -8.69
CA THR B 200 7.86 20.11 -8.08
C THR B 200 8.19 21.48 -8.66
N ALA B 201 7.92 21.68 -9.93
CA ALA B 201 8.21 22.98 -10.54
C ALA B 201 7.50 24.09 -9.85
N ARG B 202 6.31 23.81 -9.33
CA ARG B 202 5.60 24.80 -8.57
C ARG B 202 6.44 25.34 -7.37
N ALA B 203 7.17 24.44 -6.68
CA ALA B 203 8.02 24.87 -5.57
C ALA B 203 9.22 25.67 -6.01
N LEU B 204 9.63 25.54 -7.28
CA LEU B 204 10.76 26.30 -7.82
C LEU B 204 10.39 27.73 -8.15
N ASP B 205 9.09 28.05 -8.07
CA ASP B 205 8.60 29.43 -8.29
CA ASP B 205 8.63 29.43 -8.30
C ASP B 205 8.77 30.31 -7.05
N ASN B 206 9.27 29.76 -5.93
CA ASN B 206 9.59 30.50 -4.74
C ASN B 206 10.39 31.74 -5.11
N PRO B 207 10.09 32.91 -4.52
CA PRO B 207 10.74 34.13 -4.96
C PRO B 207 12.26 34.19 -4.66
N ASP B 208 12.78 33.31 -3.85
CA ASP B 208 14.22 33.27 -3.58
C ASP B 208 14.91 32.14 -4.37
N HIS B 209 14.16 31.32 -5.12
CA HIS B 209 14.73 30.14 -5.71
C HIS B 209 15.94 30.44 -6.63
N VAL B 210 15.78 31.41 -7.53
CA VAL B 210 16.88 31.76 -8.42
C VAL B 210 18.09 32.24 -7.62
N ALA B 211 17.84 33.19 -6.70
CA ALA B 211 18.90 33.77 -5.95
C ALA B 211 19.70 32.69 -5.18
N ILE B 212 18.99 31.76 -4.59
CA ILE B 212 19.64 30.67 -3.81
C ILE B 212 20.44 29.73 -4.72
N THR B 213 19.88 29.41 -5.90
CA THR B 213 20.55 28.56 -6.88
C THR B 213 21.82 29.22 -7.34
N ILE B 214 21.74 30.48 -7.77
CA ILE B 214 22.94 31.16 -8.28
C ILE B 214 24.00 31.29 -7.20
N SER B 215 23.55 31.69 -6.00
CA SER B 215 24.46 31.80 -4.86
C SER B 215 25.17 30.46 -4.54
N ASN B 216 24.38 29.37 -4.49
CA ASN B 216 24.96 28.06 -4.23
C ASN B 216 26.11 27.75 -5.17
N TYR B 217 25.88 27.93 -6.47
CA TYR B 217 26.92 27.63 -7.48
C TYR B 217 28.03 28.67 -7.52
N ARG B 218 27.75 29.93 -7.36
CA ARG B 218 28.82 30.91 -7.27
C ARG B 218 29.70 30.71 -6.04
N TRP B 219 29.12 30.37 -4.91
CA TRP B 219 29.93 30.12 -3.72
C TRP B 219 30.87 28.93 -4.02
N ARG B 220 30.33 27.91 -4.63
CA ARG B 220 31.08 26.69 -4.84
C ARG B 220 32.31 26.92 -5.68
N LEU B 221 32.21 27.90 -6.59
CA LEU B 221 33.31 28.26 -7.51
C LEU B 221 34.25 29.26 -6.93
N GLY B 222 33.99 29.70 -5.71
CA GLY B 222 34.80 30.74 -5.12
C GLY B 222 34.51 32.11 -5.58
N LEU B 223 33.31 32.34 -6.15
CA LEU B 223 32.90 33.64 -6.70
C LEU B 223 32.03 34.47 -5.81
N GLU B 224 31.80 34.03 -4.59
CA GLU B 224 31.05 34.79 -3.61
C GLU B 224 31.72 34.54 -2.29
N LYS B 225 31.71 35.53 -1.40
CA LYS B 225 32.21 35.39 -0.06
C LYS B 225 31.00 34.98 0.76
N GLY B 226 31.12 34.05 1.62
CA GLY B 226 29.95 33.74 2.46
C GLY B 226 29.79 34.75 3.56
N GLU B 227 28.88 34.52 4.48
CA GLU B 227 28.58 35.42 5.59
C GLU B 227 29.52 35.10 6.76
N ALA B 228 29.85 36.13 7.52
CA ALA B 228 30.77 35.96 8.64
C ALA B 228 30.32 34.97 9.69
N LYS B 229 29.03 34.92 9.97
CA LYS B 229 28.54 33.98 10.96
C LYS B 229 28.68 32.51 10.58
N TYR B 230 29.00 32.22 9.35
CA TYR B 230 29.22 30.86 8.89
C TYR B 230 30.68 30.54 8.60
N ALA B 231 31.55 31.51 8.77
CA ALA B 231 32.95 31.36 8.33
C ALA B 231 33.71 30.34 9.17
N GLY B 232 33.35 30.26 10.47
CA GLY B 232 33.96 29.21 11.31
C GLY B 232 33.59 27.82 10.82
N TYR B 233 32.34 27.64 10.50
CA TYR B 233 31.90 26.35 9.98
C TYR B 233 32.62 26.03 8.67
N GLU B 234 32.72 27.01 7.76
CA GLU B 234 33.39 26.72 6.48
C GLU B 234 34.87 26.41 6.65
N GLN B 235 35.49 27.03 7.65
CA GLN B 235 36.89 26.74 7.93
C GLN B 235 37.02 25.30 8.38
N ARG B 236 36.11 24.82 9.22
CA ARG B 236 36.19 23.42 9.63
C ARG B 236 35.96 22.49 8.43
N LEU B 237 34.98 22.85 7.60
CA LEU B 237 34.57 21.99 6.49
C LEU B 237 35.69 21.92 5.44
N ALA B 238 36.50 22.98 5.35
CA ALA B 238 37.55 23.01 4.34
C ALA B 238 38.62 21.99 4.62
N ALA B 239 38.69 21.50 5.85
CA ALA B 239 39.56 20.39 6.18
C ALA B 239 39.05 19.02 5.79
N LEU B 240 37.84 18.97 5.24
CA LEU B 240 37.21 17.76 4.82
C LEU B 240 37.14 16.76 6.01
N PRO B 241 36.51 17.17 7.10
CA PRO B 241 36.43 16.31 8.27
C PRO B 241 35.68 14.99 7.95
N PRO B 242 36.10 13.88 8.51
CA PRO B 242 35.40 12.63 8.29
C PRO B 242 34.11 12.61 9.07
N ILE B 243 33.22 11.75 8.61
CA ILE B 243 31.91 11.50 9.31
C ILE B 243 32.07 10.27 10.15
N THR B 244 31.69 10.40 11.41
CA THR B 244 31.92 9.31 12.41
C THR B 244 30.66 8.47 12.68
N VAL B 245 29.49 8.95 12.24
CA VAL B 245 28.24 8.27 12.54
C VAL B 245 27.99 7.12 11.54
N PRO B 246 27.18 6.13 11.89
CA PRO B 246 26.86 5.03 10.96
C PRO B 246 26.25 5.57 9.68
N THR B 247 26.80 5.15 8.57
CA THR B 247 26.46 5.73 7.27
C THR B 247 26.28 4.63 6.23
N ILE B 248 25.22 4.77 5.45
CA ILE B 248 25.11 4.04 4.18
C ILE B 248 25.14 5.04 3.00
N THR B 249 26.08 4.82 2.07
CA THR B 249 26.08 5.61 0.85
C THR B 249 25.42 4.83 -0.27
N LEU B 250 24.78 5.58 -1.16
CA LEU B 250 24.02 4.95 -2.26
C LEU B 250 24.47 5.58 -3.59
N GLU B 251 24.51 4.76 -4.64
CA GLU B 251 24.72 5.39 -5.95
C GLU B 251 23.81 4.60 -6.93
N GLY B 252 23.36 5.29 -7.96
CA GLY B 252 22.52 4.64 -9.02
C GLY B 252 23.38 4.38 -10.23
N ALA B 253 23.09 3.30 -10.95
CA ALA B 253 23.88 2.97 -12.12
C ALA B 253 23.69 3.91 -13.31
N ASN B 254 22.59 4.65 -13.34
CA ASN B 254 22.32 5.52 -14.49
C ASN B 254 22.21 6.94 -14.07
N ASN B 255 23.09 7.34 -13.17
CA ASN B 255 23.19 8.72 -12.72
C ASN B 255 23.98 9.58 -13.75
N GLY B 256 23.31 10.52 -14.37
CA GLY B 256 23.98 11.45 -15.32
C GLY B 256 24.60 12.67 -14.71
N ALA B 257 24.32 12.92 -13.43
CA ALA B 257 24.86 14.08 -12.75
C ALA B 257 26.27 13.73 -12.25
N PRO B 258 27.08 14.77 -11.95
CA PRO B 258 28.47 14.48 -11.54
C PRO B 258 28.43 13.75 -10.21
N HIS B 259 29.26 12.74 -10.09
CA HIS B 259 29.37 12.04 -8.84
C HIS B 259 30.72 11.38 -8.73
N PRO B 260 31.20 11.21 -7.48
CA PRO B 260 32.51 10.48 -7.31
C PRO B 260 32.40 8.97 -7.37
N ALA B 261 33.52 8.31 -7.59
CA ALA B 261 33.57 6.87 -7.54
C ALA B 261 33.51 6.44 -6.07
N PRO B 262 32.72 5.41 -5.74
CA PRO B 262 32.64 5.01 -4.32
C PRO B 262 33.94 4.75 -3.60
N ALA B 263 34.93 4.14 -4.28
CA ALA B 263 36.17 3.92 -3.63
C ALA B 263 36.84 5.22 -3.14
N SER B 264 36.61 6.32 -3.86
CA SER B 264 37.22 7.60 -3.55
C SER B 264 36.78 8.17 -2.22
N TYR B 265 35.59 7.78 -1.73
CA TYR B 265 35.06 8.34 -0.49
C TYR B 265 34.97 7.34 0.65
N ARG B 266 35.44 6.12 0.45
CA ARG B 266 35.35 5.11 1.51
C ARG B 266 35.90 5.67 2.83
N ALA B 267 37.09 6.24 2.76
CA ALA B 267 37.82 6.64 3.96
C ALA B 267 37.36 7.94 4.56
N LYS B 268 36.31 8.53 4.03
CA LYS B 268 35.68 9.71 4.67
C LYS B 268 34.68 9.33 5.73
N PHE B 269 34.38 8.06 5.87
CA PHE B 269 33.43 7.58 6.85
C PHE B 269 34.20 6.68 7.79
N THR B 270 34.43 7.15 9.00
CA THR B 270 35.33 6.49 9.92
C THR B 270 34.64 5.61 10.93
N GLY B 271 33.30 5.59 10.95
CA GLY B 271 32.54 4.70 11.84
C GLY B 271 32.01 3.48 11.06
N LYS B 272 30.82 3.04 11.45
CA LYS B 272 30.15 1.95 10.74
C LYS B 272 29.77 2.47 9.35
N TYR B 273 29.92 1.60 8.36
CA TYR B 273 29.77 2.00 6.97
C TYR B 273 29.33 0.87 6.09
N GLU B 274 28.48 1.19 5.15
CA GLU B 274 28.18 0.29 4.03
C GLU B 274 27.93 1.15 2.78
N HIS B 275 28.41 0.67 1.65
CA HIS B 275 28.08 1.29 0.39
C HIS B 275 27.13 0.41 -0.39
N ARG B 276 26.14 1.00 -1.08
CA ARG B 276 25.20 0.23 -1.88
C ARG B 276 25.04 0.88 -3.26
N ASP B 277 25.36 0.11 -4.29
CA ASP B 277 25.02 0.42 -5.61
C ASP B 277 23.61 -0.06 -5.84
N LEU B 278 22.74 0.81 -6.28
CA LEU B 278 21.37 0.44 -6.62
C LEU B 278 21.32 -0.05 -8.06
N PRO B 279 20.89 -1.27 -8.26
CA PRO B 279 20.73 -1.71 -9.67
C PRO B 279 19.59 -0.99 -10.36
N GLY B 280 19.77 -0.74 -11.68
CA GLY B 280 18.68 -0.43 -12.59
C GLY B 280 18.74 0.90 -13.27
N ALA B 281 17.60 1.43 -13.54
CA ALA B 281 17.46 2.70 -14.26
C ALA B 281 17.73 3.89 -13.32
N VAL B 282 18.19 3.61 -12.09
CA VAL B 282 18.19 4.68 -10.99
C VAL B 282 19.25 5.69 -11.28
N GLY B 283 18.84 6.93 -11.33
CA GLY B 283 19.69 8.04 -11.59
C GLY B 283 20.10 8.87 -10.37
N HIS B 284 19.97 10.16 -10.52
CA HIS B 284 20.40 11.16 -9.55
C HIS B 284 19.44 11.35 -8.35
N ASN B 285 18.22 10.80 -8.43
CA ASN B 285 17.25 10.99 -7.38
C ASN B 285 16.70 9.65 -6.88
N PRO B 286 17.52 8.91 -6.14
CA PRO B 286 17.07 7.62 -5.63
C PRO B 286 15.79 7.58 -4.81
N PRO B 287 15.55 8.61 -3.98
CA PRO B 287 14.31 8.45 -3.22
C PRO B 287 13.05 8.60 -4.09
N GLN B 288 13.10 9.48 -5.10
CA GLN B 288 11.93 9.65 -5.91
C GLN B 288 11.80 8.50 -6.94
N GLU B 289 12.93 8.03 -7.45
CA GLU B 289 13.00 7.02 -8.51
C GLU B 289 12.88 5.60 -8.02
N ASP B 290 13.40 5.31 -6.83
CA ASP B 290 13.37 4.00 -6.23
C ASP B 290 13.08 4.09 -4.71
N PRO B 291 11.87 4.53 -4.36
CA PRO B 291 11.54 4.77 -2.96
C PRO B 291 11.64 3.51 -2.15
N THR B 292 11.33 2.36 -2.72
CA THR B 292 11.45 1.11 -1.96
C THR B 292 12.89 0.85 -1.45
N ALA B 293 13.87 0.97 -2.33
CA ALA B 293 15.22 0.79 -1.99
C ALA B 293 15.67 1.87 -1.03
N PHE B 294 15.15 3.11 -1.19
CA PHE B 294 15.61 4.20 -0.32
C PHE B 294 15.13 3.98 1.09
N VAL B 295 13.86 3.57 1.23
CA VAL B 295 13.31 3.22 2.54
C VAL B 295 14.18 2.14 3.20
N GLN B 296 14.53 1.10 2.48
CA GLN B 296 15.36 0.04 3.02
C GLN B 296 16.72 0.56 3.48
N ALA B 297 17.32 1.49 2.73
CA ALA B 297 18.56 2.10 3.12
C ALA B 297 18.44 2.88 4.44
N VAL B 298 17.33 3.62 4.61
CA VAL B 298 17.11 4.34 5.86
C VAL B 298 16.98 3.36 7.02
N VAL B 299 16.16 2.32 6.84
CA VAL B 299 15.97 1.32 7.87
C VAL B 299 17.35 0.69 8.21
N ASP B 300 18.11 0.32 7.18
CA ASP B 300 19.39 -0.38 7.41
C ASP B 300 20.44 0.50 8.06
N ALA B 301 20.50 1.79 7.67
CA ALA B 301 21.39 2.71 8.35
C ALA B 301 21.03 2.91 9.84
N ASP B 302 19.73 2.97 10.12
CA ASP B 302 19.26 3.19 11.46
C ASP B 302 19.65 2.05 12.37
N ARG B 303 19.81 0.84 11.81
CA ARG B 303 20.21 -0.35 12.61
C ARG B 303 21.64 -0.79 12.47
N LEU B 304 22.40 -0.10 11.64
CA LEU B 304 23.80 -0.51 11.43
C LEU B 304 24.58 -0.46 12.71
N ALA C 7 2.02 13.37 -36.26
CA ALA C 7 2.45 14.44 -35.32
C ALA C 7 1.45 14.53 -34.07
N PHE C 8 0.49 13.62 -33.83
CA PHE C 8 -0.38 13.69 -32.58
C PHE C 8 0.34 13.65 -31.25
N ASP C 9 1.47 12.98 -31.19
CA ASP C 9 2.18 12.91 -29.92
C ASP C 9 3.26 14.00 -29.69
N LYS C 10 3.40 14.97 -30.60
CA LYS C 10 4.27 16.09 -30.39
C LYS C 10 3.40 17.17 -29.83
N ILE C 11 3.56 17.41 -28.56
CA ILE C 11 2.79 18.44 -27.85
C ILE C 11 3.53 19.74 -27.99
N GLN C 12 2.87 20.76 -28.48
CA GLN C 12 3.43 22.10 -28.54
C GLN C 12 3.02 22.89 -27.32
N GLN C 13 3.73 23.95 -27.09
CA GLN C 13 3.47 24.86 -25.94
C GLN C 13 3.44 26.32 -26.43
N ILE C 14 2.52 27.13 -25.91
CA ILE C 14 2.48 28.54 -26.23
C ILE C 14 1.95 29.34 -25.09
N ARG C 15 2.53 30.52 -24.87
CA ARG C 15 1.93 31.44 -23.90
C ARG C 15 0.63 31.98 -24.43
N ALA C 16 -0.40 31.92 -23.60
CA ALA C 16 -1.70 32.44 -23.98
C ALA C 16 -2.41 32.90 -22.72
N GLY C 17 -2.55 34.21 -22.61
CA GLY C 17 -3.17 34.78 -21.40
C GLY C 17 -2.42 34.46 -20.15
N ASP C 18 -3.13 33.90 -19.16
CA ASP C 18 -2.54 33.51 -17.91
C ASP C 18 -1.86 32.13 -17.96
N LEU C 19 -1.90 31.46 -19.11
CA LEU C 19 -1.45 30.07 -19.21
C LEU C 19 -0.28 29.89 -20.15
N ASN C 20 0.43 28.77 -19.98
CA ASN C 20 1.20 28.20 -21.05
C ASN C 20 0.44 26.96 -21.45
N ILE C 21 -0.20 27.02 -22.62
CA ILE C 21 -1.08 25.98 -23.07
C ILE C 21 -0.34 24.93 -23.83
N GLY C 22 -0.61 23.64 -23.47
CA GLY C 22 -0.17 22.50 -24.21
C GLY C 22 -1.16 22.06 -25.25
N TYR C 23 -0.71 21.90 -26.49
CA TYR C 23 -1.67 21.51 -27.57
C TYR C 23 -1.03 20.74 -28.71
N VAL C 24 -1.87 19.96 -29.39
CA VAL C 24 -1.52 19.32 -30.64
C VAL C 24 -1.87 20.31 -31.76
N ASP C 25 -1.02 20.39 -32.77
CA ASP C 25 -1.26 21.24 -33.95
C ASP C 25 -0.82 20.46 -35.16
N ILE C 26 -1.80 19.88 -35.88
CA ILE C 26 -1.49 18.99 -37.01
C ILE C 26 -2.29 19.40 -38.24
N GLY C 27 -1.86 18.88 -39.40
CA GLY C 27 -2.51 19.23 -40.65
C GLY C 27 -1.81 20.36 -41.37
N PRO C 28 -2.30 20.64 -42.57
CA PRO C 28 -1.63 21.67 -43.39
C PRO C 28 -1.70 22.99 -42.70
N ARG C 29 -0.61 23.74 -42.75
CA ARG C 29 -0.58 25.05 -42.04
C ARG C 29 -1.61 26.06 -42.51
N ASP C 30 -2.03 25.98 -43.76
CA ASP C 30 -3.03 26.89 -44.31
C ASP C 30 -4.41 26.23 -44.35
N GLY C 31 -4.57 25.09 -43.65
CA GLY C 31 -5.85 24.37 -43.66
C GLY C 31 -6.88 25.12 -42.84
N GLN C 32 -8.16 24.85 -43.10
CA GLN C 32 -9.27 25.38 -42.32
C GLN C 32 -9.01 25.02 -40.84
N PRO C 33 -8.97 26.03 -39.96
CA PRO C 33 -8.73 25.66 -38.53
C PRO C 33 -9.92 25.04 -37.85
N VAL C 34 -9.62 24.03 -37.06
CA VAL C 34 -10.58 23.31 -36.23
C VAL C 34 -9.99 23.15 -34.85
N ILE C 35 -10.76 23.52 -33.80
CA ILE C 35 -10.24 23.42 -32.45
C ILE C 35 -11.18 22.45 -31.69
N LEU C 36 -10.57 21.39 -31.16
CA LEU C 36 -11.28 20.27 -30.57
C LEU C 36 -11.07 20.30 -29.05
N LEU C 37 -12.17 20.38 -28.27
CA LEU C 37 -12.09 20.66 -26.84
C LEU C 37 -12.64 19.49 -26.03
N HIS C 38 -11.80 18.95 -25.16
CA HIS C 38 -12.15 17.80 -24.32
C HIS C 38 -13.01 18.21 -23.14
N GLY C 39 -13.46 17.19 -22.42
CA GLY C 39 -14.29 17.34 -21.25
C GLY C 39 -13.62 16.80 -19.96
N TRP C 40 -14.43 16.69 -18.92
CA TRP C 40 -14.01 16.24 -17.57
C TRP C 40 -14.55 14.85 -17.28
N PRO C 41 -13.73 13.93 -16.80
CA PRO C 41 -12.29 13.97 -16.57
C PRO C 41 -11.61 13.22 -17.70
N TYR C 42 -11.55 13.88 -18.88
CA TYR C 42 -10.96 13.34 -20.08
C TYR C 42 -9.81 14.25 -20.51
N ASP C 43 -9.18 13.96 -21.65
CA ASP C 43 -8.13 14.86 -22.15
C ASP C 43 -8.03 14.82 -23.68
N ILE C 44 -6.93 15.29 -24.24
CA ILE C 44 -6.79 15.38 -25.64
C ILE C 44 -6.84 13.99 -26.35
N GLN C 45 -6.60 12.90 -25.60
CA GLN C 45 -6.72 11.58 -26.20
C GLN C 45 -8.13 11.31 -26.74
N SER C 46 -9.14 12.07 -26.27
CA SER C 46 -10.44 11.99 -26.82
C SER C 46 -10.47 12.22 -28.33
N TYR C 47 -9.45 12.90 -28.84
CA TYR C 47 -9.40 13.27 -30.27
C TYR C 47 -8.18 12.64 -30.94
N ALA C 48 -7.59 11.62 -30.33
CA ALA C 48 -6.44 10.99 -30.93
C ALA C 48 -6.73 10.30 -32.27
N GLN C 49 -7.98 9.91 -32.53
CA GLN C 49 -8.37 9.42 -33.81
C GLN C 49 -9.04 10.49 -34.65
N VAL C 50 -9.87 11.32 -34.03
CA VAL C 50 -10.56 12.36 -34.76
C VAL C 50 -9.57 13.30 -35.46
N ALA C 51 -8.58 13.78 -34.70
CA ALA C 51 -7.73 14.86 -35.19
C ALA C 51 -6.91 14.42 -36.44
N PRO C 52 -6.22 13.31 -36.37
CA PRO C 52 -5.51 12.95 -37.59
C PRO C 52 -6.35 12.59 -38.79
N ALA C 53 -7.57 12.12 -38.56
CA ALA C 53 -8.50 11.95 -39.63
C ALA C 53 -8.86 13.27 -40.29
N LEU C 54 -9.15 14.30 -39.48
CA LEU C 54 -9.41 15.62 -40.06
C LEU C 54 -8.16 16.21 -40.76
N ALA C 55 -7.00 15.99 -40.15
CA ALA C 55 -5.74 16.49 -40.77
C ALA C 55 -5.52 15.92 -42.17
N GLN C 56 -5.83 14.66 -42.30
CA GLN C 56 -5.76 13.95 -43.62
C GLN C 56 -6.67 14.53 -44.65
N LYS C 57 -7.80 15.06 -44.22
CA LYS C 57 -8.78 15.69 -45.09
C LYS C 57 -8.41 17.17 -45.40
N GLY C 58 -7.32 17.68 -44.85
CA GLY C 58 -6.84 19.03 -45.10
C GLY C 58 -7.17 20.08 -44.07
N TYR C 59 -7.79 19.68 -42.92
CA TYR C 59 -8.04 20.63 -41.86
C TYR C 59 -6.75 20.85 -41.03
N ARG C 60 -6.61 22.07 -40.49
CA ARG C 60 -5.56 22.37 -39.55
C ARG C 60 -6.20 22.17 -38.17
N VAL C 61 -5.69 21.24 -37.36
CA VAL C 61 -6.37 20.81 -36.19
C VAL C 61 -5.59 21.14 -34.93
N ILE C 62 -6.22 21.87 -34.00
CA ILE C 62 -5.66 22.26 -32.71
C ILE C 62 -6.39 21.52 -31.62
N VAL C 63 -5.62 20.82 -30.73
CA VAL C 63 -6.28 20.03 -29.67
C VAL C 63 -5.54 20.40 -28.38
N PRO C 64 -6.09 21.37 -27.60
CA PRO C 64 -5.44 21.82 -26.40
C PRO C 64 -5.85 21.11 -25.14
N TYR C 65 -4.90 20.95 -24.21
CA TYR C 65 -5.32 20.60 -22.85
C TYR C 65 -5.98 21.85 -22.22
N LEU C 66 -7.15 21.66 -21.60
CA LEU C 66 -7.75 22.73 -20.83
C LEU C 66 -6.92 23.06 -19.59
N ARG C 67 -7.15 24.21 -19.01
CA ARG C 67 -6.57 24.53 -17.69
C ARG C 67 -6.90 23.38 -16.72
N GLY C 68 -5.88 22.94 -15.97
CA GLY C 68 -6.04 21.77 -15.12
C GLY C 68 -5.71 20.39 -15.71
N TYR C 69 -5.19 20.34 -16.88
CA TYR C 69 -4.91 19.08 -17.54
C TYR C 69 -3.57 19.10 -18.28
N GLY C 70 -2.87 17.96 -18.25
CA GLY C 70 -1.71 17.71 -19.13
C GLY C 70 -0.64 18.74 -18.93
N THR C 71 -0.08 19.24 -20.01
CA THR C 71 0.99 20.20 -19.96
C THR C 71 0.54 21.66 -20.06
N THR C 72 -0.77 21.93 -19.93
CA THR C 72 -1.23 23.29 -19.71
C THR C 72 -0.89 23.68 -18.32
N ARG C 73 -0.26 24.82 -18.13
CA ARG C 73 0.08 25.28 -16.77
C ARG C 73 -0.24 26.75 -16.64
N PHE C 74 -0.34 27.23 -15.41
CA PHE C 74 -0.45 28.68 -15.18
C PHE C 74 0.95 29.29 -15.15
N LEU C 75 1.08 30.47 -15.69
CA LEU C 75 2.37 31.17 -15.74
C LEU C 75 2.78 31.60 -14.31
N SER C 76 1.83 31.94 -13.44
CA SER C 76 2.09 32.52 -12.14
C SER C 76 1.33 31.72 -11.06
N ALA C 77 2.05 31.36 -10.00
CA ALA C 77 1.48 30.76 -8.79
C ALA C 77 0.36 31.54 -8.17
N SER C 78 0.32 32.86 -8.31
CA SER C 78 -0.73 33.68 -7.72
C SER C 78 -2.05 33.69 -8.49
N THR C 79 -2.06 33.22 -9.75
CA THR C 79 -3.28 33.24 -10.51
C THR C 79 -4.25 32.24 -9.87
N PRO C 80 -5.47 32.69 -9.56
CA PRO C 80 -6.46 31.71 -9.10
C PRO C 80 -6.64 30.51 -10.05
N ARG C 81 -6.71 29.32 -9.49
CA ARG C 81 -7.00 28.10 -10.28
C ARG C 81 -8.51 28.04 -10.43
N ASN C 82 -9.01 28.83 -11.31
CA ASN C 82 -10.43 29.16 -11.46
C ASN C 82 -11.03 28.35 -12.60
N GLY C 83 -12.07 27.59 -12.26
CA GLY C 83 -12.81 26.78 -13.24
C GLY C 83 -14.12 27.35 -13.77
N GLN C 84 -14.38 28.65 -13.58
CA GLN C 84 -15.60 29.21 -14.06
C GLN C 84 -15.68 29.12 -15.58
N PRO C 85 -16.90 29.07 -16.15
CA PRO C 85 -17.01 28.70 -17.54
C PRO C 85 -16.30 29.66 -18.45
N SER C 86 -16.53 30.96 -18.23
CA SER C 86 -15.96 31.94 -19.18
C SER C 86 -14.43 32.03 -19.13
N ALA C 87 -13.81 31.56 -18.04
CA ALA C 87 -12.35 31.54 -17.99
C ALA C 87 -11.78 30.59 -19.04
N MSE C 88 -12.40 29.41 -19.21
CA MSE C 88 -11.96 28.46 -20.19
C MSE C 88 -12.20 29.04 -21.58
O MSE C 88 -11.38 28.84 -22.49
CB MSE C 88 -12.60 27.08 -20.01
CG MSE C 88 -12.19 26.61 -18.66
SE MSE C 88 -12.92 24.82 -18.40
CE MSE C 88 -12.88 24.81 -16.46
N ALA C 89 -13.34 29.69 -21.79
CA ALA C 89 -13.59 30.33 -23.10
C ALA C 89 -12.56 31.40 -23.44
N ALA C 90 -12.24 32.24 -22.45
CA ALA C 90 -11.21 33.24 -22.65
C ALA C 90 -9.89 32.56 -23.02
N ASP C 91 -9.56 31.42 -22.38
CA ASP C 91 -8.32 30.72 -22.67
C ASP C 91 -8.26 30.39 -24.16
N ILE C 92 -9.40 29.96 -24.73
CA ILE C 92 -9.42 29.50 -26.09
C ILE C 92 -9.28 30.71 -27.02
N VAL C 93 -9.86 31.84 -26.68
CA VAL C 93 -9.68 33.08 -27.49
C VAL C 93 -8.21 33.48 -27.41
N HIS C 94 -7.60 33.42 -26.22
CA HIS C 94 -6.15 33.76 -26.11
C HIS C 94 -5.28 32.82 -26.92
N LEU C 95 -5.61 31.52 -26.94
CA LEU C 95 -4.90 30.53 -27.74
C LEU C 95 -5.06 30.87 -29.25
N MSE C 96 -6.28 31.15 -29.67
CA MSE C 96 -6.52 31.57 -31.06
C MSE C 96 -5.63 32.75 -31.38
O MSE C 96 -4.98 32.79 -32.45
CB MSE C 96 -8.01 31.85 -31.27
CG MSE C 96 -8.80 30.52 -31.29
SE MSE C 96 -10.73 30.99 -31.40
CE MSE C 96 -10.76 31.22 -33.30
N ASP C 97 -5.64 33.77 -30.54
CA ASP C 97 -4.85 34.97 -30.84
C ASP C 97 -3.37 34.64 -30.90
N ALA C 98 -2.90 33.81 -29.98
CA ALA C 98 -1.49 33.46 -29.98
C ALA C 98 -1.06 32.66 -31.23
N LEU C 99 -1.97 31.91 -31.79
CA LEU C 99 -1.73 31.09 -32.99
C LEU C 99 -2.12 31.86 -34.27
N ASN C 100 -2.56 33.09 -34.13
CA ASN C 100 -3.01 33.89 -35.30
C ASN C 100 -4.17 33.28 -36.07
N ILE C 101 -5.06 32.65 -35.30
CA ILE C 101 -6.27 32.05 -35.87
C ILE C 101 -7.43 33.02 -35.64
N ARG C 102 -7.93 33.67 -36.67
CA ARG C 102 -9.01 34.64 -36.49
C ARG C 102 -10.38 33.96 -36.31
N GLN C 103 -10.51 32.77 -36.88
CA GLN C 103 -11.76 32.04 -36.93
C GLN C 103 -11.49 30.58 -37.07
N ALA C 104 -12.29 29.77 -36.37
CA ALA C 104 -12.14 28.29 -36.50
C ALA C 104 -13.46 27.57 -36.40
N ASP C 105 -13.52 26.34 -36.91
CA ASP C 105 -14.60 25.41 -36.47
C ASP C 105 -14.30 24.98 -35.04
N LEU C 106 -15.30 24.95 -34.15
CA LEU C 106 -15.10 24.43 -32.82
C LEU C 106 -15.96 23.20 -32.57
N ALA C 107 -15.43 22.28 -31.79
CA ALA C 107 -16.16 21.08 -31.42
C ALA C 107 -15.81 20.69 -30.01
N GLY C 108 -16.79 20.20 -29.26
CA GLY C 108 -16.49 19.79 -27.91
C GLY C 108 -17.57 18.93 -27.28
N PHE C 109 -17.17 18.27 -26.23
CA PHE C 109 -18.12 17.58 -25.33
C PHE C 109 -17.84 18.02 -23.85
N ASP C 110 -18.89 17.96 -23.05
CA ASP C 110 -18.83 18.20 -21.56
C ASP C 110 -18.21 19.60 -21.37
N TRP C 111 -17.20 19.82 -20.55
CA TRP C 111 -16.63 21.17 -20.38
C TRP C 111 -16.24 21.77 -21.74
N GLY C 112 -15.79 20.91 -22.65
CA GLY C 112 -15.35 21.43 -23.95
C GLY C 112 -16.51 21.92 -24.83
N ALA C 113 -17.69 21.26 -24.72
CA ALA C 113 -18.87 21.74 -25.39
C ALA C 113 -19.32 23.10 -24.75
N ARG C 114 -19.32 23.15 -23.42
CA ARG C 114 -19.69 24.41 -22.72
C ARG C 114 -18.76 25.54 -23.17
N THR C 115 -17.47 25.24 -23.28
CA THR C 115 -16.47 26.23 -23.67
C THR C 115 -16.73 26.69 -25.09
N ALA C 116 -16.89 25.72 -26.01
CA ALA C 116 -17.14 26.08 -27.42
C ALA C 116 -18.46 26.85 -27.58
N ASP C 117 -19.49 26.46 -26.84
CA ASP C 117 -20.76 27.18 -26.86
C ASP C 117 -20.58 28.64 -26.45
N ILE C 118 -19.80 28.86 -25.42
CA ILE C 118 -19.52 30.22 -24.90
C ILE C 118 -18.79 31.06 -25.96
N VAL C 119 -17.76 30.49 -26.62
CA VAL C 119 -17.07 31.21 -27.65
C VAL C 119 -18.02 31.56 -28.78
N ALA C 120 -18.90 30.60 -29.17
CA ALA C 120 -19.83 30.85 -30.25
C ALA C 120 -20.85 31.93 -29.89
N ALA C 121 -21.32 31.90 -28.67
CA ALA C 121 -22.30 32.86 -28.20
C ALA C 121 -21.73 34.25 -28.01
N LEU C 122 -20.53 34.36 -27.43
CA LEU C 122 -19.97 35.69 -27.13
C LEU C 122 -19.12 36.31 -28.24
N TRP C 123 -18.44 35.48 -28.99
CA TRP C 123 -17.60 35.91 -30.09
C TRP C 123 -17.94 35.12 -31.36
N PRO C 124 -19.18 35.29 -31.89
CA PRO C 124 -19.56 34.44 -32.98
C PRO C 124 -18.69 34.60 -34.22
N GLN C 125 -18.08 35.76 -34.41
CA GLN C 125 -17.20 35.92 -35.54
C GLN C 125 -15.99 35.02 -35.51
N ARG C 126 -15.62 34.48 -34.36
CA ARG C 126 -14.50 33.62 -34.23
C ARG C 126 -14.85 32.15 -34.51
N VAL C 127 -16.14 31.85 -34.69
CA VAL C 127 -16.61 30.48 -34.82
C VAL C 127 -17.30 30.23 -36.16
N LYS C 128 -16.60 29.55 -37.08
CA LYS C 128 -17.18 29.32 -38.40
C LYS C 128 -18.41 28.39 -38.27
N SER C 129 -18.23 27.32 -37.51
CA SER C 129 -19.32 26.39 -37.22
C SER C 129 -18.94 25.67 -35.94
N LEU C 130 -19.94 24.96 -35.39
CA LEU C 130 -19.90 24.38 -34.08
C LEU C 130 -20.45 22.97 -34.03
N VAL C 131 -19.75 22.06 -33.34
CA VAL C 131 -20.26 20.73 -33.04
C VAL C 131 -20.33 20.68 -31.51
N SER C 132 -21.54 20.55 -30.94
CA SER C 132 -21.76 20.62 -29.52
C SER C 132 -22.45 19.38 -29.02
N VAL C 133 -21.70 18.49 -28.43
CA VAL C 133 -22.25 17.26 -27.88
C VAL C 133 -23.17 17.57 -26.68
N SER C 134 -24.38 17.03 -26.73
CA SER C 134 -25.42 17.21 -25.66
C SER C 134 -25.99 18.60 -25.65
N GLY C 135 -25.84 19.34 -26.78
CA GLY C 135 -26.67 20.49 -26.98
C GLY C 135 -26.12 21.79 -26.43
N TYR C 136 -26.97 22.54 -25.74
CA TYR C 136 -26.67 23.91 -25.21
C TYR C 136 -26.28 23.79 -23.77
N LEU C 137 -25.02 24.00 -23.44
CA LEU C 137 -24.51 23.69 -22.08
CA LEU C 137 -24.51 23.69 -22.09
C LEU C 137 -24.14 24.94 -21.30
N ILE C 138 -24.50 26.10 -21.77
CA ILE C 138 -24.32 27.36 -21.04
C ILE C 138 -25.38 27.39 -19.94
N SER C 139 -24.97 27.76 -18.72
CA SER C 139 -25.94 27.99 -17.65
C SER C 139 -25.47 29.18 -16.80
N SER C 140 -26.01 29.28 -15.58
CA SER C 140 -25.71 30.40 -14.70
C SER C 140 -25.69 29.92 -13.29
N GLN C 141 -25.11 30.73 -12.43
CA GLN C 141 -25.07 30.39 -11.01
C GLN C 141 -26.49 30.38 -10.42
N GLN C 142 -27.33 31.31 -10.86
CA GLN C 142 -28.74 31.40 -10.37
C GLN C 142 -29.48 30.12 -10.67
N ILE C 143 -29.28 29.55 -11.85
CA ILE C 143 -29.88 28.28 -12.18
C ILE C 143 -29.25 27.14 -11.37
N GLY C 144 -27.93 27.16 -11.20
CA GLY C 144 -27.17 26.09 -10.51
C GLY C 144 -27.53 25.92 -9.04
N GLU C 145 -28.03 26.97 -8.43
CA GLU C 145 -28.57 26.94 -7.06
C GLU C 145 -29.85 26.21 -6.90
N LYS C 146 -30.62 25.99 -7.95
CA LYS C 146 -32.00 25.43 -7.80
C LYS C 146 -31.94 23.92 -7.79
N PRO C 147 -32.71 23.28 -6.87
CA PRO C 147 -32.65 21.81 -6.81
C PRO C 147 -33.42 21.14 -7.88
N LEU C 148 -33.04 19.94 -8.19
CA LEU C 148 -33.75 19.04 -9.10
C LEU C 148 -34.38 17.90 -8.31
N PRO C 149 -35.19 17.02 -8.95
CA PRO C 149 -35.69 15.88 -8.22
C PRO C 149 -34.58 14.97 -7.69
N PRO C 150 -34.85 14.22 -6.64
CA PRO C 150 -33.79 13.35 -6.05
C PRO C 150 -32.99 12.49 -6.99
N GLN C 151 -33.62 11.76 -7.94
CA GLN C 151 -32.86 10.92 -8.88
C GLN C 151 -31.93 11.73 -9.78
N ALA C 152 -32.38 12.91 -10.18
CA ALA C 152 -31.47 13.80 -10.90
C ALA C 152 -30.27 14.27 -10.11
N GLU C 153 -30.46 14.57 -8.82
CA GLU C 153 -29.41 14.99 -7.97
C GLU C 153 -28.40 13.84 -7.77
N LEU C 154 -28.90 12.61 -7.64
CA LEU C 154 -28.01 11.45 -7.57
C LEU C 154 -27.15 11.33 -8.79
N SER C 155 -27.74 11.58 -9.98
CA SER C 155 -26.94 11.51 -11.24
C SER C 155 -25.83 12.59 -11.26
N TRP C 156 -25.96 13.66 -10.49
CA TRP C 156 -24.97 14.70 -10.31
C TRP C 156 -24.13 14.59 -9.02
N TRP C 157 -24.14 13.42 -8.37
CA TRP C 157 -23.67 13.31 -7.04
C TRP C 157 -22.29 13.93 -6.80
N TYR C 158 -21.41 13.76 -7.77
CA TYR C 158 -20.04 14.19 -7.61
C TYR C 158 -19.90 15.69 -7.44
N GLN C 159 -20.79 16.46 -8.03
CA GLN C 159 -20.63 17.88 -7.92
C GLN C 159 -20.84 18.33 -6.47
N PHE C 160 -21.78 17.67 -5.76
CA PHE C 160 -22.01 17.95 -4.38
C PHE C 160 -20.88 17.46 -3.52
N TYR C 161 -20.33 16.27 -3.87
CA TYR C 161 -19.11 15.80 -3.17
C TYR C 161 -17.97 16.89 -3.21
N PHE C 162 -17.76 17.40 -4.42
CA PHE C 162 -16.71 18.40 -4.69
C PHE C 162 -16.96 19.73 -3.96
N ALA C 163 -18.18 19.98 -3.53
CA ALA C 163 -18.53 21.18 -2.82
C ALA C 163 -17.89 21.23 -1.40
N THR C 164 -17.43 20.07 -0.91
CA THR C 164 -16.96 19.93 0.47
C THR C 164 -15.47 19.74 0.52
N PRO C 165 -14.82 20.15 1.63
CA PRO C 165 -13.42 19.83 1.79
C PRO C 165 -13.10 18.37 1.70
N ARG C 166 -14.01 17.54 2.19
CA ARG C 166 -13.82 16.10 2.04
C ARG C 166 -13.76 15.64 0.58
N GLY C 167 -14.59 16.23 -0.29
CA GLY C 167 -14.57 15.92 -1.70
C GLY C 167 -13.29 16.37 -2.38
N GLU C 168 -12.81 17.52 -2.00
CA GLU C 168 -11.51 17.96 -2.51
C GLU C 168 -10.41 16.93 -2.13
N ALA C 169 -10.37 16.54 -0.86
CA ALA C 169 -9.41 15.55 -0.39
C ALA C 169 -9.58 14.20 -1.09
N GLY C 170 -10.82 13.78 -1.28
CA GLY C 170 -11.05 12.50 -1.94
C GLY C 170 -10.61 12.49 -3.37
N TYR C 171 -10.95 13.57 -4.08
CA TYR C 171 -10.55 13.65 -5.46
C TYR C 171 -9.04 13.68 -5.61
N ARG C 172 -8.38 14.40 -4.69
CA ARG C 172 -6.94 14.45 -4.70
C ARG C 172 -6.28 13.15 -4.32
N GLN C 173 -6.79 12.47 -3.32
CA GLN C 173 -6.19 11.20 -2.90
C GLN C 173 -6.47 10.04 -3.80
N ASN C 174 -7.63 10.07 -4.48
CA ASN C 174 -8.15 8.94 -5.22
C ASN C 174 -8.41 9.30 -6.67
N THR C 175 -7.59 10.13 -7.27
CA THR C 175 -7.98 10.76 -8.54
C THR C 175 -8.21 9.66 -9.60
N HIS C 176 -7.25 8.75 -9.72
CA HIS C 176 -7.39 7.70 -10.76
C HIS C 176 -8.63 6.88 -10.56
N ASP C 177 -8.88 6.40 -9.36
CA ASP C 177 -10.02 5.55 -9.13
C ASP C 177 -11.32 6.29 -9.27
N PHE C 178 -11.33 7.54 -8.86
CA PHE C 178 -12.54 8.36 -8.97
C PHE C 178 -12.87 8.64 -10.42
N ALA C 179 -11.88 9.13 -11.17
CA ALA C 179 -12.15 9.39 -12.56
C ALA C 179 -12.55 8.13 -13.36
N LYS C 180 -11.93 6.99 -13.06
CA LYS C 180 -12.21 5.78 -13.79
C LYS C 180 -13.64 5.38 -13.51
N PHE C 181 -14.06 5.51 -12.27
CA PHE C 181 -15.45 5.25 -11.92
C PHE C 181 -16.43 6.16 -12.66
N ILE C 182 -16.09 7.42 -12.72
CA ILE C 182 -16.89 8.36 -13.52
C ILE C 182 -16.94 7.92 -14.99
N TRP C 183 -15.82 7.51 -15.61
CA TRP C 183 -15.84 7.14 -16.97
C TRP C 183 -16.85 5.99 -17.19
N HIS C 184 -16.81 5.00 -16.28
CA HIS C 184 -17.71 3.87 -16.37
C HIS C 184 -19.19 4.29 -16.15
N GLN C 185 -19.49 5.21 -15.22
CA GLN C 185 -20.84 5.69 -15.01
C GLN C 185 -21.35 6.42 -16.24
N ALA C 186 -20.46 7.18 -16.84
CA ALA C 186 -20.87 8.05 -17.93
C ALA C 186 -21.04 7.32 -19.29
N SER C 187 -20.30 6.26 -19.50
CA SER C 187 -20.36 5.50 -20.75
C SER C 187 -20.35 4.01 -20.37
N PRO C 188 -21.47 3.54 -19.86
CA PRO C 188 -21.51 2.15 -19.37
C PRO C 188 -21.21 1.06 -20.36
N GLN C 189 -21.36 1.31 -21.67
CA GLN C 189 -21.11 0.29 -22.68
CA GLN C 189 -21.11 0.29 -22.68
C GLN C 189 -19.78 0.50 -23.36
N TRP C 190 -18.99 1.49 -22.89
CA TRP C 190 -17.65 1.67 -23.45
C TRP C 190 -16.67 0.78 -22.73
N GLN C 191 -16.16 -0.21 -23.46
CA GLN C 191 -15.23 -1.17 -22.87
C GLN C 191 -13.79 -0.70 -23.01
N PHE C 192 -13.48 0.43 -22.40
CA PHE C 192 -12.16 1.01 -22.56
C PHE C 192 -11.14 0.16 -21.82
N SER C 193 -9.92 0.06 -22.35
CA SER C 193 -8.86 -0.70 -21.69
C SER C 193 -8.23 0.08 -20.56
N ASP C 194 -7.54 -0.63 -19.65
CA ASP C 194 -6.86 0.06 -18.60
C ASP C 194 -5.80 0.99 -19.17
N ALA C 195 -5.12 0.57 -20.23
CA ALA C 195 -4.10 1.40 -20.85
C ALA C 195 -4.68 2.70 -21.50
N THR C 196 -5.84 2.60 -22.10
CA THR C 196 -6.58 3.76 -22.60
C THR C 196 -6.88 4.71 -21.46
N PHE C 197 -7.43 4.20 -20.36
CA PHE C 197 -7.66 5.06 -19.21
C PHE C 197 -6.39 5.66 -18.67
N ALA C 198 -5.34 4.84 -18.52
CA ALA C 198 -4.11 5.32 -17.96
C ALA C 198 -3.45 6.43 -18.75
N LYS C 199 -3.57 6.37 -20.05
CA LYS C 199 -2.99 7.41 -20.86
C LYS C 199 -3.60 8.79 -20.55
N THR C 200 -4.92 8.86 -20.35
CA THR C 200 -5.54 10.10 -19.95
C THR C 200 -5.32 10.41 -18.47
N ALA C 201 -5.31 9.39 -17.62
CA ALA C 201 -5.04 9.62 -16.23
C ALA C 201 -3.73 10.36 -15.99
N ARG C 202 -2.75 10.14 -16.85
CA ARG C 202 -1.45 10.90 -16.72
C ARG C 202 -1.69 12.40 -16.78
N ALA C 203 -2.62 12.83 -17.63
CA ALA C 203 -2.95 14.21 -17.72
C ALA C 203 -3.79 14.72 -16.55
N LEU C 204 -4.57 13.84 -15.87
CA LEU C 204 -5.32 14.23 -14.68
C LEU C 204 -4.43 14.42 -13.45
N ASP C 205 -3.17 13.95 -13.55
CA ASP C 205 -2.21 14.14 -12.48
C ASP C 205 -1.66 15.56 -12.47
N ASN C 206 -1.94 16.38 -13.48
CA ASN C 206 -1.55 17.78 -13.46
C ASN C 206 -1.81 18.40 -12.07
N PRO C 207 -0.87 19.10 -11.51
CA PRO C 207 -1.02 19.62 -10.15
C PRO C 207 -2.11 20.62 -9.92
N ASP C 208 -2.71 21.16 -10.98
CA ASP C 208 -3.87 22.05 -10.82
C ASP C 208 -5.20 21.30 -11.06
N HIS C 209 -5.18 20.05 -11.48
CA HIS C 209 -6.37 19.36 -11.89
C HIS C 209 -7.46 19.31 -10.82
N VAL C 210 -7.07 19.00 -9.61
CA VAL C 210 -8.02 18.97 -8.52
C VAL C 210 -8.58 20.33 -8.29
N ALA C 211 -7.72 21.32 -8.16
CA ALA C 211 -8.21 22.67 -7.87
C ALA C 211 -9.21 23.12 -8.96
N ILE C 212 -8.89 22.86 -10.23
CA ILE C 212 -9.77 23.31 -11.35
C ILE C 212 -11.11 22.57 -11.31
N THR C 213 -11.08 21.28 -11.01
CA THR C 213 -12.24 20.48 -10.89
C THR C 213 -13.16 20.97 -9.82
N ILE C 214 -12.60 21.13 -8.60
CA ILE C 214 -13.41 21.62 -7.52
C ILE C 214 -14.00 23.02 -7.81
N SER C 215 -13.19 23.89 -8.37
CA SER C 215 -13.64 25.24 -8.65
C SER C 215 -14.74 25.22 -9.69
N ASN C 216 -14.57 24.42 -10.73
CA ASN C 216 -15.60 24.29 -11.77
C ASN C 216 -16.97 23.96 -11.18
N TYR C 217 -17.00 22.96 -10.31
CA TYR C 217 -18.26 22.50 -9.71
C TYR C 217 -18.77 23.42 -8.61
N ARG C 218 -17.88 24.00 -7.84
CA ARG C 218 -18.30 24.97 -6.88
C ARG C 218 -18.87 26.20 -7.53
N TRP C 219 -18.28 26.67 -8.61
CA TRP C 219 -18.88 27.77 -9.31
C TRP C 219 -20.23 27.44 -9.84
N ARG C 220 -20.40 26.26 -10.45
CA ARG C 220 -21.66 25.83 -11.06
C ARG C 220 -22.79 25.86 -10.07
N LEU C 221 -22.48 25.56 -8.82
CA LEU C 221 -23.47 25.54 -7.71
C LEU C 221 -23.64 26.84 -7.01
N GLY C 222 -22.97 27.88 -7.48
CA GLY C 222 -23.06 29.18 -6.84
C GLY C 222 -22.29 29.32 -5.56
N LEU C 223 -21.31 28.46 -5.34
CA LEU C 223 -20.54 28.49 -4.12
C LEU C 223 -19.18 29.20 -4.20
N GLU C 224 -18.85 29.79 -5.32
CA GLU C 224 -17.59 30.45 -5.47
C GLU C 224 -17.97 31.67 -6.32
N LYS C 225 -17.34 32.78 -6.06
CA LYS C 225 -17.53 33.98 -6.84
C LYS C 225 -16.43 33.92 -7.91
N GLY C 226 -16.75 34.25 -9.11
CA GLY C 226 -15.66 34.20 -10.11
C GLY C 226 -14.75 35.42 -9.96
N GLU C 227 -13.83 35.58 -10.90
CA GLU C 227 -12.94 36.70 -10.94
C GLU C 227 -13.61 37.86 -11.65
N ALA C 228 -13.27 39.05 -11.21
CA ALA C 228 -13.82 40.27 -11.78
C ALA C 228 -13.65 40.42 -13.25
N LYS C 229 -12.52 40.02 -13.78
CA LYS C 229 -12.30 40.16 -15.19
C LYS C 229 -13.16 39.26 -16.08
N TYR C 230 -13.82 38.29 -15.48
CA TYR C 230 -14.74 37.45 -16.23
C TYR C 230 -16.24 37.76 -15.94
N ALA C 231 -16.51 38.75 -15.07
CA ALA C 231 -17.87 38.93 -14.61
C ALA C 231 -18.80 39.39 -15.71
N GLY C 232 -18.27 40.24 -16.61
CA GLY C 232 -19.03 40.74 -17.73
C GLY C 232 -19.48 39.61 -18.64
N TYR C 233 -18.55 38.68 -18.92
CA TYR C 233 -18.87 37.52 -19.72
C TYR C 233 -19.97 36.68 -19.04
N GLU C 234 -19.82 36.45 -17.76
CA GLU C 234 -20.86 35.67 -17.05
C GLU C 234 -22.22 36.34 -17.05
N GLN C 235 -22.22 37.64 -16.89
CA GLN C 235 -23.47 38.37 -16.94
C GLN C 235 -24.20 38.19 -18.29
N ARG C 236 -23.43 38.24 -19.39
CA ARG C 236 -24.01 38.01 -20.70
C ARG C 236 -24.52 36.58 -20.80
N LEU C 237 -23.77 35.63 -20.28
CA LEU C 237 -24.13 34.26 -20.38
C LEU C 237 -25.35 33.93 -19.57
N ALA C 238 -25.54 34.66 -18.47
CA ALA C 238 -26.67 34.36 -17.58
C ALA C 238 -28.04 34.54 -18.30
N ALA C 239 -28.03 35.31 -19.34
CA ALA C 239 -29.24 35.49 -20.19
C ALA C 239 -29.52 34.26 -21.10
N LEU C 240 -28.62 33.29 -21.13
CA LEU C 240 -28.71 32.11 -21.97
C LEU C 240 -28.86 32.53 -23.44
N PRO C 241 -27.91 33.32 -23.95
CA PRO C 241 -27.98 33.81 -25.31
C PRO C 241 -27.95 32.64 -26.30
N PRO C 242 -28.69 32.77 -27.39
CA PRO C 242 -28.68 31.72 -28.40
C PRO C 242 -27.37 31.76 -29.20
N ILE C 243 -27.11 30.65 -29.86
CA ILE C 243 -25.96 30.51 -30.74
C ILE C 243 -26.43 30.65 -32.19
N THR C 244 -25.78 31.53 -32.93
CA THR C 244 -26.24 31.92 -34.26
C THR C 244 -25.49 31.24 -35.39
N VAL C 245 -24.36 30.60 -35.08
CA VAL C 245 -23.49 30.03 -36.09
C VAL C 245 -23.99 28.64 -36.45
N PRO C 246 -23.64 28.14 -37.64
CA PRO C 246 -24.06 26.81 -38.02
C PRO C 246 -23.60 25.73 -37.02
N THR C 247 -24.53 24.92 -36.58
CA THR C 247 -24.25 23.99 -35.47
C THR C 247 -24.83 22.62 -35.74
N ILE C 248 -24.07 21.57 -35.44
CA ILE C 248 -24.55 20.25 -35.30
C ILE C 248 -24.42 19.78 -33.89
N THR C 249 -25.52 19.36 -33.29
CA THR C 249 -25.50 18.73 -31.96
C THR C 249 -25.53 17.26 -32.09
N LEU C 250 -24.90 16.58 -31.15
CA LEU C 250 -24.80 15.14 -31.15
C LEU C 250 -25.24 14.58 -29.80
N GLU C 251 -25.84 13.39 -29.79
CA GLU C 251 -26.05 12.68 -28.55
C GLU C 251 -25.85 11.20 -28.80
N GLY C 252 -25.41 10.47 -27.77
CA GLY C 252 -25.21 9.03 -27.84
C GLY C 252 -26.39 8.33 -27.15
N ALA C 253 -26.74 7.15 -27.65
CA ALA C 253 -27.84 6.39 -27.07
C ALA C 253 -27.55 5.75 -25.71
N ASN C 254 -26.27 5.58 -25.37
CA ASN C 254 -25.91 4.99 -24.09
C ASN C 254 -25.09 5.94 -23.25
N ASN C 255 -25.48 7.21 -23.26
CA ASN C 255 -24.88 8.18 -22.38
C ASN C 255 -25.47 8.06 -21.00
N GLY C 256 -24.63 7.66 -20.03
CA GLY C 256 -25.06 7.60 -18.63
C GLY C 256 -24.99 8.87 -17.83
N ALA C 257 -24.36 9.89 -18.38
CA ALA C 257 -24.22 11.14 -17.69
C ALA C 257 -25.52 11.94 -17.88
N PRO C 258 -25.80 12.88 -16.99
CA PRO C 258 -27.01 13.70 -17.14
C PRO C 258 -26.93 14.51 -18.45
N HIS C 259 -27.99 14.47 -19.22
CA HIS C 259 -28.04 15.27 -20.47
C HIS C 259 -29.46 15.65 -20.80
N PRO C 260 -29.63 16.82 -21.47
CA PRO C 260 -31.00 17.19 -21.90
C PRO C 260 -31.56 16.39 -23.10
N ALA C 261 -32.88 16.36 -23.23
CA ALA C 261 -33.55 15.89 -24.42
C ALA C 261 -33.31 16.89 -25.59
N PRO C 262 -33.03 16.38 -26.80
CA PRO C 262 -32.73 17.32 -27.93
C PRO C 262 -33.79 18.34 -28.19
N ALA C 263 -35.09 17.99 -28.05
CA ALA C 263 -36.12 19.00 -28.26
C ALA C 263 -35.96 20.21 -27.33
N SER C 264 -35.42 19.98 -26.15
CA SER C 264 -35.29 21.06 -25.15
C SER C 264 -34.30 22.15 -25.51
N TYR C 265 -33.34 21.85 -26.39
CA TYR C 265 -32.37 22.85 -26.77
C TYR C 265 -32.44 23.21 -28.25
N ARG C 266 -33.42 22.71 -29.00
CA ARG C 266 -33.54 23.06 -30.41
C ARG C 266 -33.46 24.55 -30.59
N ALA C 267 -34.26 25.28 -29.84
CA ALA C 267 -34.41 26.68 -30.07
C ALA C 267 -33.32 27.55 -29.52
N LYS C 268 -32.28 26.95 -28.96
CA LYS C 268 -31.07 27.71 -28.56
C LYS C 268 -30.12 27.92 -29.72
N PHE C 269 -30.39 27.33 -30.90
CA PHE C 269 -29.52 27.47 -32.06
C PHE C 269 -30.34 28.10 -33.13
N THR C 270 -30.07 29.35 -33.41
CA THR C 270 -30.94 30.14 -34.24
C THR C 270 -30.51 30.28 -35.67
N GLY C 271 -29.37 29.69 -36.04
CA GLY C 271 -28.93 29.65 -37.43
C GLY C 271 -29.15 28.33 -38.09
N LYS C 272 -28.24 27.93 -38.95
CA LYS C 272 -28.29 26.63 -39.56
C LYS C 272 -28.07 25.57 -38.51
N TYR C 273 -28.79 24.46 -38.60
CA TYR C 273 -28.81 23.49 -37.51
C TYR C 273 -29.11 22.09 -37.95
N GLU C 274 -28.50 21.12 -37.28
CA GLU C 274 -28.91 19.75 -37.37
C GLU C 274 -28.62 19.08 -36.04
N HIS C 275 -29.48 18.16 -35.63
CA HIS C 275 -29.19 17.29 -34.51
C HIS C 275 -29.02 15.86 -34.97
N ARG C 276 -28.02 15.15 -34.40
CA ARG C 276 -27.79 13.73 -34.73
C ARG C 276 -27.73 12.90 -33.47
N ASP C 277 -28.58 11.86 -33.45
CA ASP C 277 -28.49 10.81 -32.46
C ASP C 277 -27.59 9.75 -33.04
N LEU C 278 -26.51 9.47 -32.34
CA LEU C 278 -25.57 8.51 -32.78
C LEU C 278 -26.00 7.12 -32.33
N PRO C 279 -26.21 6.19 -33.26
CA PRO C 279 -26.58 4.86 -32.85
C PRO C 279 -25.41 4.11 -32.17
N GLY C 280 -25.75 3.28 -31.17
CA GLY C 280 -24.88 2.23 -30.67
C GLY C 280 -24.52 2.30 -29.21
N ALA C 281 -23.33 1.83 -28.92
CA ALA C 281 -22.81 1.76 -27.54
C ALA C 281 -22.31 3.14 -27.13
N VAL C 282 -22.56 4.18 -27.97
CA VAL C 282 -21.96 5.54 -27.73
C VAL C 282 -22.53 6.24 -26.50
N GLY C 283 -21.59 6.61 -25.60
CA GLY C 283 -21.90 7.24 -24.37
C GLY C 283 -21.59 8.74 -24.33
N HIS C 284 -20.97 9.15 -23.21
CA HIS C 284 -20.69 10.55 -22.90
C HIS C 284 -19.52 11.17 -23.65
N ASN C 285 -18.71 10.34 -24.30
CA ASN C 285 -17.53 10.81 -25.05
C ASN C 285 -17.58 10.34 -26.53
N PRO C 286 -18.43 11.00 -27.33
CA PRO C 286 -18.51 10.61 -28.72
C PRO C 286 -17.20 10.66 -29.49
N PRO C 287 -16.37 11.71 -29.33
CA PRO C 287 -15.19 11.64 -30.16
C PRO C 287 -14.25 10.49 -29.83
N GLN C 288 -14.13 10.07 -28.57
CA GLN C 288 -13.23 9.00 -28.27
C GLN C 288 -13.90 7.65 -28.62
N GLU C 289 -15.21 7.56 -28.40
CA GLU C 289 -15.99 6.32 -28.54
C GLU C 289 -16.44 6.07 -29.95
N ASP C 290 -16.75 7.10 -30.71
CA ASP C 290 -17.18 6.99 -32.10
C ASP C 290 -16.53 8.06 -32.97
N PRO C 291 -15.22 7.95 -33.16
CA PRO C 291 -14.53 9.02 -33.90
C PRO C 291 -15.02 9.16 -35.31
N THR C 292 -15.42 8.05 -35.97
CA THR C 292 -15.88 8.16 -37.35
C THR C 292 -17.04 9.12 -37.49
N ALA C 293 -18.05 8.91 -36.66
CA ALA C 293 -19.20 9.72 -36.69
C ALA C 293 -18.89 11.18 -36.27
N PHE C 294 -17.99 11.35 -35.35
CA PHE C 294 -17.64 12.67 -34.89
C PHE C 294 -16.91 13.45 -36.00
N VAL C 295 -15.97 12.80 -36.67
CA VAL C 295 -15.28 13.45 -37.82
C VAL C 295 -16.33 13.90 -38.84
N GLN C 296 -17.28 13.04 -39.14
CA GLN C 296 -18.30 13.37 -40.12
C GLN C 296 -19.08 14.60 -39.71
N ALA C 297 -19.42 14.69 -38.41
CA ALA C 297 -20.08 15.81 -37.89
C ALA C 297 -19.30 17.10 -38.05
N VAL C 298 -18.00 17.05 -37.80
CA VAL C 298 -17.17 18.26 -37.97
C VAL C 298 -17.13 18.71 -39.42
N VAL C 299 -16.92 17.75 -40.34
CA VAL C 299 -16.87 18.04 -41.74
C VAL C 299 -18.23 18.66 -42.14
N ASP C 300 -19.32 18.02 -41.74
CA ASP C 300 -20.64 18.44 -42.17
C ASP C 300 -20.99 19.80 -41.62
N ALA C 301 -20.58 20.11 -40.39
CA ALA C 301 -20.86 21.42 -39.82
C ALA C 301 -20.08 22.47 -40.54
N ASP C 302 -18.87 22.15 -40.97
CA ASP C 302 -18.00 23.05 -41.64
C ASP C 302 -18.58 23.43 -43.03
N ARG C 303 -19.36 22.54 -43.62
CA ARG C 303 -19.91 22.77 -44.95
C ARG C 303 -21.35 23.22 -44.91
N LEU C 304 -21.99 23.35 -43.73
CA LEU C 304 -23.38 23.91 -43.68
C LEU C 304 -23.40 25.31 -44.28
N ALA D 7 24.53 -20.56 18.01
CA ALA D 7 24.99 -19.50 18.93
C ALA D 7 24.02 -19.36 20.19
N PHE D 8 23.05 -20.28 20.45
CA PHE D 8 22.14 -20.13 21.68
C PHE D 8 22.81 -20.18 23.03
N ASP D 9 23.95 -20.86 23.13
CA ASP D 9 24.64 -20.92 24.42
C ASP D 9 25.69 -19.85 24.66
N LYS D 10 25.83 -18.90 23.72
CA LYS D 10 26.71 -17.77 23.91
C LYS D 10 25.85 -16.68 24.51
N ILE D 11 26.02 -16.41 25.80
CA ILE D 11 25.27 -15.40 26.47
C ILE D 11 26.04 -14.11 26.34
N GLN D 12 25.40 -13.06 25.79
CA GLN D 12 25.96 -11.72 25.78
C GLN D 12 25.50 -10.91 26.95
N GLN D 13 26.17 -9.83 27.20
CA GLN D 13 25.93 -8.94 28.33
C GLN D 13 25.99 -7.49 27.91
N ILE D 14 25.04 -6.66 28.34
CA ILE D 14 25.02 -5.24 27.99
C ILE D 14 24.43 -4.41 29.09
N ARG D 15 25.01 -3.25 29.31
CA ARG D 15 24.46 -2.33 30.28
C ARG D 15 23.14 -1.77 29.72
N ALA D 16 22.09 -1.81 30.52
CA ALA D 16 20.79 -1.30 30.10
C ALA D 16 20.03 -0.84 31.30
N GLY D 17 19.92 0.47 31.42
CA GLY D 17 19.27 1.07 32.55
C GLY D 17 19.98 0.76 33.85
N ASP D 18 19.23 0.23 34.80
CA ASP D 18 19.81 -0.18 36.05
C ASP D 18 20.50 -1.55 36.06
N LEU D 19 20.42 -2.26 34.95
CA LEU D 19 20.82 -3.64 34.87
C LEU D 19 22.04 -3.79 33.97
N ASN D 20 22.74 -4.88 34.17
CA ASN D 20 23.49 -5.50 33.10
C ASN D 20 22.72 -6.71 32.70
N ILE D 21 22.19 -6.71 31.47
CA ILE D 21 21.28 -7.76 31.02
C ILE D 21 22.01 -8.81 30.30
N GLY D 22 21.73 -10.06 30.66
CA GLY D 22 22.19 -11.26 29.97
C GLY D 22 21.24 -11.69 28.91
N TYR D 23 21.74 -11.91 27.69
CA TYR D 23 20.85 -12.26 26.59
C TYR D 23 21.50 -13.08 25.50
N VAL D 24 20.69 -13.85 24.81
CA VAL D 24 21.06 -14.44 23.56
C VAL D 24 20.75 -13.47 22.43
N ASP D 25 21.68 -13.40 21.45
CA ASP D 25 21.49 -12.57 20.28
C ASP D 25 21.94 -13.29 19.07
N ILE D 26 21.02 -13.82 18.30
CA ILE D 26 21.35 -14.67 17.16
C ILE D 26 20.62 -14.20 15.92
N GLY D 27 21.07 -14.71 14.77
CA GLY D 27 20.46 -14.37 13.50
C GLY D 27 21.17 -13.22 12.81
N PRO D 28 20.76 -12.87 11.58
CA PRO D 28 21.47 -11.87 10.78
C PRO D 28 21.36 -10.49 11.43
N ARG D 29 22.44 -9.75 11.42
CA ARG D 29 22.49 -8.44 12.12
C ARG D 29 21.52 -7.41 11.54
N ASP D 30 21.20 -7.53 10.25
CA ASP D 30 20.24 -6.66 9.59
C ASP D 30 18.83 -7.28 9.62
N GLY D 31 18.57 -8.37 10.37
CA GLY D 31 17.27 -9.10 10.28
C GLY D 31 16.17 -8.42 11.12
N GLN D 32 14.90 -8.67 10.80
CA GLN D 32 13.75 -8.22 11.61
C GLN D 32 13.95 -8.59 13.08
N PRO D 33 14.05 -7.59 13.96
CA PRO D 33 14.24 -8.00 15.37
C PRO D 33 12.98 -8.60 16.06
N VAL D 34 13.24 -9.64 16.89
CA VAL D 34 12.23 -10.31 17.66
C VAL D 34 12.82 -10.44 19.05
N ILE D 35 12.00 -10.10 20.07
CA ILE D 35 12.44 -10.27 21.45
C ILE D 35 11.48 -11.22 22.14
N LEU D 36 12.05 -12.26 22.73
CA LEU D 36 11.29 -13.37 23.28
C LEU D 36 11.45 -13.39 24.82
N LEU D 37 10.34 -13.23 25.56
CA LEU D 37 10.36 -13.00 27.00
C LEU D 37 9.79 -14.17 27.78
N HIS D 38 10.57 -14.71 28.72
CA HIS D 38 10.14 -15.79 29.52
C HIS D 38 9.23 -15.38 30.69
N GLY D 39 8.69 -16.37 31.37
CA GLY D 39 7.89 -16.19 32.58
C GLY D 39 8.48 -16.74 33.86
N TRP D 40 7.65 -16.76 34.91
CA TRP D 40 8.07 -17.24 36.24
C TRP D 40 7.49 -18.64 36.46
N PRO D 41 8.25 -19.59 37.04
CA PRO D 41 9.68 -19.56 37.31
C PRO D 41 10.44 -20.31 36.21
N TYR D 42 10.56 -19.65 35.06
CA TYR D 42 11.15 -20.20 33.89
C TYR D 42 12.35 -19.34 33.47
N ASP D 43 12.97 -19.63 32.31
CA ASP D 43 14.04 -18.77 31.87
C ASP D 43 14.19 -18.83 30.33
N ILE D 44 15.32 -18.36 29.82
CA ILE D 44 15.55 -18.27 28.40
C ILE D 44 15.46 -19.64 27.71
N GLN D 45 15.65 -20.74 28.46
CA GLN D 45 15.57 -22.06 27.86
C GLN D 45 14.20 -22.35 27.31
N SER D 46 13.20 -21.57 27.75
CA SER D 46 11.87 -21.61 27.12
C SER D 46 11.93 -21.43 25.60
N TYR D 47 12.96 -20.73 25.10
CA TYR D 47 13.05 -20.36 23.71
C TYR D 47 14.27 -21.04 23.00
N ALA D 48 14.82 -22.07 23.62
CA ALA D 48 16.05 -22.71 23.09
C ALA D 48 15.84 -23.39 21.75
N GLN D 49 14.60 -23.78 21.46
CA GLN D 49 14.21 -24.25 20.14
C GLN D 49 13.59 -23.19 19.25
N VAL D 50 12.74 -22.36 19.83
CA VAL D 50 12.12 -21.31 19.09
C VAL D 50 13.12 -20.32 18.46
N ALA D 51 14.08 -19.86 19.25
CA ALA D 51 14.96 -18.79 18.78
C ALA D 51 15.82 -19.22 17.54
N PRO D 52 16.45 -20.38 17.61
CA PRO D 52 17.27 -20.72 16.39
C PRO D 52 16.42 -20.96 15.15
N ALA D 53 15.20 -21.45 15.34
CA ALA D 53 14.28 -21.58 14.23
C ALA D 53 13.97 -20.24 13.59
N LEU D 54 13.69 -19.23 14.41
CA LEU D 54 13.48 -17.92 13.88
C LEU D 54 14.73 -17.28 13.24
N ALA D 55 15.87 -17.50 13.85
CA ALA D 55 17.13 -17.03 13.26
C ALA D 55 17.38 -17.58 11.83
N GLN D 56 17.07 -18.86 11.65
CA GLN D 56 17.17 -19.50 10.34
CA GLN D 56 17.19 -19.52 10.35
C GLN D 56 16.30 -18.84 9.31
N LYS D 57 15.17 -18.28 9.75
CA LYS D 57 14.22 -17.68 8.86
C LYS D 57 14.57 -16.22 8.61
N GLY D 58 15.64 -15.72 9.21
CA GLY D 58 16.17 -14.42 8.97
C GLY D 58 15.90 -13.36 10.00
N TYR D 59 15.30 -13.76 11.11
CA TYR D 59 15.05 -12.82 12.18
C TYR D 59 16.29 -12.68 13.03
N ARG D 60 16.48 -11.46 13.55
CA ARG D 60 17.45 -11.23 14.58
C ARG D 60 16.76 -11.43 15.90
N VAL D 61 17.24 -12.37 16.71
CA VAL D 61 16.45 -12.84 17.88
C VAL D 61 17.22 -12.51 19.13
N ILE D 62 16.53 -11.78 20.05
CA ILE D 62 17.01 -11.45 21.35
C ILE D 62 16.25 -12.23 22.43
N VAL D 63 16.96 -12.91 23.35
CA VAL D 63 16.27 -13.70 24.38
C VAL D 63 16.93 -13.33 25.70
N PRO D 64 16.36 -12.37 26.44
CA PRO D 64 17.00 -11.91 27.64
C PRO D 64 16.51 -12.63 28.86
N TYR D 65 17.41 -12.78 29.83
CA TYR D 65 16.95 -13.06 31.14
C TYR D 65 16.30 -11.80 31.76
N LEU D 66 15.10 -11.98 32.36
CA LEU D 66 14.49 -10.92 33.10
C LEU D 66 15.25 -10.59 34.37
N ARG D 67 15.06 -9.41 34.92
CA ARG D 67 15.61 -9.11 36.24
C ARG D 67 15.27 -10.27 37.20
N GLY D 68 16.26 -10.70 37.99
CA GLY D 68 16.07 -11.84 38.90
C GLY D 68 16.31 -13.22 38.31
N TYR D 69 16.91 -13.29 37.11
CA TYR D 69 17.20 -14.56 36.49
C TYR D 69 18.56 -14.59 35.82
N GLY D 70 19.24 -15.75 35.91
CA GLY D 70 20.42 -16.00 35.07
C GLY D 70 21.53 -15.01 35.29
N THR D 71 22.13 -14.52 34.18
CA THR D 71 23.21 -13.55 34.25
C THR D 71 22.75 -12.06 34.09
N THR D 72 21.45 -11.79 34.21
CA THR D 72 21.02 -10.43 34.42
C THR D 72 21.30 -10.01 35.82
N ARG D 73 21.95 -8.89 36.03
CA ARG D 73 22.29 -8.40 37.36
C ARG D 73 22.00 -6.92 37.50
N PHE D 74 21.84 -6.44 38.71
CA PHE D 74 21.73 -5.02 38.97
C PHE D 74 23.12 -4.41 39.05
N LEU D 75 23.26 -3.24 38.50
CA LEU D 75 24.57 -2.57 38.47
C LEU D 75 24.93 -2.11 39.88
N SER D 76 23.96 -1.70 40.68
CA SER D 76 24.19 -1.09 42.02
C SER D 76 23.39 -1.84 43.07
N ALA D 77 24.07 -2.15 44.19
CA ALA D 77 23.47 -2.76 45.32
C ALA D 77 22.31 -1.96 45.89
N SER D 78 22.30 -0.63 45.74
CA SER D 78 21.27 0.20 46.32
C SER D 78 20.01 0.27 45.46
N THR D 79 20.03 -0.27 44.24
CA THR D 79 18.82 -0.28 43.44
C THR D 79 17.82 -1.30 44.07
N PRO D 80 16.59 -0.87 44.35
CA PRO D 80 15.57 -1.81 44.79
C PRO D 80 15.40 -3.03 43.84
N ARG D 81 15.33 -4.24 44.44
CA ARG D 81 15.06 -5.46 43.69
C ARG D 81 13.54 -5.52 43.48
N ASN D 82 13.10 -4.74 42.53
CA ASN D 82 11.71 -4.42 42.34
C ASN D 82 11.12 -5.19 41.21
N GLY D 83 10.03 -5.92 41.51
CA GLY D 83 9.30 -6.72 40.53
C GLY D 83 8.03 -6.12 39.96
N GLN D 84 7.82 -4.80 40.13
CA GLN D 84 6.58 -4.22 39.61
C GLN D 84 6.57 -4.32 38.09
N PRO D 85 5.36 -4.36 37.48
CA PRO D 85 5.26 -4.73 36.10
C PRO D 85 5.96 -3.75 35.16
N SER D 86 5.84 -2.45 35.40
CA SER D 86 6.44 -1.50 34.46
C SER D 86 7.98 -1.47 34.57
N ALA D 87 8.56 -1.92 35.67
CA ALA D 87 10.02 -1.96 35.78
C ALA D 87 10.57 -2.93 34.73
N MSE D 88 9.94 -4.11 34.57
CA MSE D 88 10.41 -5.09 33.60
C MSE D 88 10.22 -4.54 32.21
O MSE D 88 11.04 -4.78 31.32
CB MSE D 88 9.73 -6.42 33.77
CG MSE D 88 10.07 -6.95 35.15
SE MSE D 88 9.31 -8.75 35.39
CE MSE D 88 9.27 -8.71 37.37
N ALA D 89 9.10 -3.89 31.96
CA ALA D 89 8.88 -3.28 30.63
C ALA D 89 9.98 -2.24 30.36
N ALA D 90 10.26 -1.36 31.32
CA ALA D 90 11.28 -0.39 31.14
C ALA D 90 12.62 -1.05 30.82
N ASP D 91 12.90 -2.18 31.48
CA ASP D 91 14.15 -2.90 31.21
C ASP D 91 14.23 -3.27 29.73
N ILE D 92 13.11 -3.73 29.15
CA ILE D 92 13.12 -4.22 27.78
C ILE D 92 13.32 -3.00 26.83
N VAL D 93 12.74 -1.84 27.17
CA VAL D 93 12.98 -0.64 26.35
C VAL D 93 14.47 -0.23 26.44
N HIS D 94 15.03 -0.28 27.64
CA HIS D 94 16.44 0.07 27.81
C HIS D 94 17.30 -0.87 27.03
N LEU D 95 16.94 -2.15 26.99
CA LEU D 95 17.67 -3.13 26.21
C LEU D 95 17.58 -2.83 24.71
N MSE D 96 16.39 -2.53 24.23
CA MSE D 96 16.19 -2.12 22.85
C MSE D 96 17.05 -0.96 22.53
O MSE D 96 17.76 -0.94 21.50
CB MSE D 96 14.70 -1.86 22.59
CG MSE D 96 13.94 -3.18 22.58
SE MSE D 96 12.03 -2.77 22.40
CE MSE D 96 12.16 -2.48 20.51
N ASP D 97 17.07 0.03 23.39
CA ASP D 97 17.91 1.20 23.12
C ASP D 97 19.40 0.84 23.09
N ALA D 98 19.83 0.02 24.06
CA ALA D 98 21.25 -0.34 24.13
C ALA D 98 21.71 -1.17 22.95
N LEU D 99 20.79 -1.97 22.41
CA LEU D 99 21.05 -2.75 21.24
C LEU D 99 20.72 -2.05 19.90
N ASN D 100 20.33 -0.79 19.95
CA ASN D 100 19.97 -0.08 18.72
C ASN D 100 18.87 -0.82 17.91
N ILE D 101 17.80 -1.17 18.63
CA ILE D 101 16.68 -1.77 18.02
C ILE D 101 15.50 -0.81 18.14
N ARG D 102 15.17 -0.18 17.02
CA ARG D 102 14.05 0.80 17.07
C ARG D 102 12.71 0.14 17.36
N GLN D 103 12.45 -0.95 16.70
CA GLN D 103 11.17 -1.61 16.74
C GLN D 103 11.36 -3.13 16.62
N ALA D 104 10.61 -3.92 17.42
CA ALA D 104 10.70 -5.38 17.35
C ALA D 104 9.38 -6.08 17.39
N ASP D 105 9.32 -7.31 16.93
CA ASP D 105 8.24 -8.24 17.28
C ASP D 105 8.47 -8.72 18.70
N LEU D 106 7.43 -8.74 19.57
CA LEU D 106 7.59 -9.17 20.92
C LEU D 106 6.74 -10.39 21.18
N ALA D 107 7.25 -11.31 21.97
CA ALA D 107 6.46 -12.50 22.35
C ALA D 107 6.76 -12.89 23.76
N GLY D 108 5.73 -13.34 24.49
CA GLY D 108 5.97 -13.77 25.83
C GLY D 108 4.87 -14.64 26.42
N PHE D 109 5.20 -15.25 27.55
CA PHE D 109 4.21 -15.94 28.40
C PHE D 109 4.45 -15.52 29.89
N ASP D 110 3.37 -15.54 30.68
CA ASP D 110 3.38 -15.24 32.12
C ASP D 110 4.00 -13.85 32.34
N TRP D 111 5.01 -13.67 33.18
CA TRP D 111 5.64 -12.34 33.33
C TRP D 111 6.10 -11.75 31.99
N GLY D 112 6.57 -12.61 31.08
CA GLY D 112 7.00 -12.14 29.80
C GLY D 112 5.86 -11.61 28.88
N ALA D 113 4.67 -12.18 28.99
CA ALA D 113 3.50 -11.70 28.25
C ALA D 113 3.09 -10.34 28.86
N ARG D 114 3.04 -10.30 30.19
CA ARG D 114 2.68 -9.03 30.87
C ARG D 114 3.63 -7.95 30.42
N THR D 115 4.90 -8.29 30.36
CA THR D 115 5.95 -7.32 30.01
C THR D 115 5.80 -6.86 28.58
N ALA D 116 5.61 -7.82 27.68
CA ALA D 116 5.44 -7.48 26.26
C ALA D 116 4.13 -6.67 26.03
N ASP D 117 3.09 -6.99 26.79
CA ASP D 117 1.82 -6.27 26.69
C ASP D 117 1.99 -4.83 27.12
N ILE D 118 2.78 -4.62 28.17
CA ILE D 118 3.06 -3.25 28.60
C ILE D 118 3.84 -2.44 27.59
N VAL D 119 4.86 -3.06 27.00
CA VAL D 119 5.64 -2.38 26.02
C VAL D 119 4.75 -2.00 24.83
N ALA D 120 3.90 -2.90 24.42
CA ALA D 120 3.01 -2.62 23.32
C ALA D 120 2.01 -1.53 23.62
N ALA D 121 1.53 -1.51 24.84
CA ALA D 121 0.53 -0.51 25.25
C ALA D 121 1.13 0.87 25.43
N LEU D 122 2.31 0.96 26.03
CA LEU D 122 2.87 2.23 26.34
C LEU D 122 3.80 2.78 25.28
N TRP D 123 4.49 1.91 24.57
CA TRP D 123 5.39 2.36 23.51
C TRP D 123 5.06 1.59 22.24
N PRO D 124 3.86 1.75 21.65
CA PRO D 124 3.45 0.94 20.50
C PRO D 124 4.40 1.08 19.30
N GLN D 125 5.02 2.23 19.18
CA GLN D 125 5.93 2.47 18.05
C GLN D 125 7.11 1.52 18.11
N ARG D 126 7.41 0.98 19.30
CA ARG D 126 8.54 0.05 19.44
C ARG D 126 8.15 -1.40 19.09
N VAL D 127 6.86 -1.69 18.89
CA VAL D 127 6.38 -3.05 18.82
C VAL D 127 5.69 -3.28 17.45
N LYS D 128 6.37 -4.06 16.62
CA LYS D 128 5.83 -4.30 15.29
C LYS D 128 4.58 -5.20 15.36
N SER D 129 4.68 -6.26 16.16
CA SER D 129 3.59 -7.17 16.46
C SER D 129 3.87 -7.90 17.74
N LEU D 130 2.84 -8.56 18.25
CA LEU D 130 2.83 -9.13 19.57
C LEU D 130 2.24 -10.54 19.58
N VAL D 131 2.88 -11.46 20.29
CA VAL D 131 2.35 -12.75 20.62
C VAL D 131 2.24 -12.82 22.13
N SER D 132 1.00 -12.93 22.62
CA SER D 132 0.74 -12.81 24.05
C SER D 132 0.04 -14.05 24.54
N VAL D 133 0.76 -14.92 25.21
CA VAL D 133 0.17 -16.12 25.71
C VAL D 133 -0.79 -15.83 26.90
N SER D 134 -2.02 -16.36 26.83
CA SER D 134 -3.09 -16.12 27.82
C SER D 134 -3.65 -14.70 27.77
N GLY D 135 -3.40 -13.97 26.71
CA GLY D 135 -4.22 -12.80 26.43
C GLY D 135 -3.69 -11.49 27.01
N TYR D 136 -4.57 -10.72 27.63
CA TYR D 136 -4.25 -9.36 28.18
C TYR D 136 -3.92 -9.51 29.61
N LEU D 137 -2.67 -9.32 29.98
CA LEU D 137 -2.20 -9.63 31.35
CA LEU D 137 -2.21 -9.62 31.34
C LEU D 137 -1.83 -8.39 32.14
N ILE D 138 -2.14 -7.20 31.63
CA ILE D 138 -1.95 -5.98 32.38
C ILE D 138 -3.06 -5.84 33.47
N SER D 139 -2.65 -5.49 34.67
CA SER D 139 -3.67 -5.20 35.76
C SER D 139 -3.16 -4.03 36.59
N SER D 140 -3.72 -3.89 37.80
CA SER D 140 -3.36 -2.77 38.71
C SER D 140 -3.41 -3.25 40.10
N GLN D 141 -2.88 -2.46 40.99
CA GLN D 141 -2.90 -2.78 42.42
C GLN D 141 -4.32 -2.69 42.96
N GLN D 142 -5.10 -1.73 42.48
CA GLN D 142 -6.52 -1.61 42.92
C GLN D 142 -7.32 -2.89 42.58
N ILE D 143 -7.09 -3.44 41.39
CA ILE D 143 -7.70 -4.71 41.07
C ILE D 143 -7.16 -5.85 41.91
N GLY D 144 -5.87 -5.87 42.15
CA GLY D 144 -5.21 -6.99 42.86
C GLY D 144 -5.67 -7.13 44.29
N GLU D 145 -6.15 -6.02 44.85
CA GLU D 145 -6.69 -6.00 46.22
C GLU D 145 -8.00 -6.76 46.36
N LYS D 146 -8.72 -7.02 45.27
CA LYS D 146 -10.06 -7.60 45.36
CA LYS D 146 -10.07 -7.57 45.40
C LYS D 146 -10.02 -9.10 45.38
N PRO D 147 -10.83 -9.76 46.27
CA PRO D 147 -10.79 -11.21 46.31
C PRO D 147 -11.52 -11.86 45.15
N LEU D 148 -11.12 -13.05 44.83
CA LEU D 148 -11.75 -13.93 43.84
C LEU D 148 -12.46 -15.07 44.60
N PRO D 149 -13.26 -15.90 43.90
CA PRO D 149 -13.86 -17.05 44.59
C PRO D 149 -12.77 -18.00 45.16
N PRO D 150 -13.10 -18.76 46.20
CA PRO D 150 -12.14 -19.64 46.84
C PRO D 150 -11.28 -20.53 45.90
N GLN D 151 -11.88 -21.21 44.92
CA GLN D 151 -11.08 -22.05 44.02
C GLN D 151 -10.10 -21.26 43.19
N ALA D 152 -10.48 -20.05 42.79
CA ALA D 152 -9.57 -19.17 42.09
C ALA D 152 -8.40 -18.73 42.98
N GLU D 153 -8.70 -18.44 44.25
CA GLU D 153 -7.60 -18.09 45.18
C GLU D 153 -6.65 -19.27 45.36
N LEU D 154 -7.16 -20.48 45.46
CA LEU D 154 -6.33 -21.67 45.62
C LEU D 154 -5.37 -21.76 44.40
N SER D 155 -5.91 -21.48 43.22
CA SER D 155 -5.07 -21.53 41.98
C SER D 155 -3.95 -20.50 42.02
N TRP D 156 -4.11 -19.42 42.78
CA TRP D 156 -3.08 -18.42 43.02
C TRP D 156 -2.37 -18.54 44.36
N TRP D 157 -2.38 -19.70 44.97
CA TRP D 157 -1.92 -19.87 46.34
C TRP D 157 -0.55 -19.30 46.67
N TYR D 158 0.38 -19.49 45.74
CA TYR D 158 1.73 -19.09 45.92
C TYR D 158 1.93 -17.59 46.08
N GLN D 159 1.05 -16.80 45.47
CA GLN D 159 1.18 -15.38 45.63
C GLN D 159 0.96 -14.95 47.10
N PHE D 160 0.02 -15.61 47.76
CA PHE D 160 -0.26 -15.33 49.12
C PHE D 160 0.79 -15.85 50.02
N TYR D 161 1.32 -17.02 49.70
CA TYR D 161 2.53 -17.50 50.43
C TYR D 161 3.66 -16.45 50.41
N PHE D 162 3.92 -15.93 49.23
CA PHE D 162 4.97 -14.96 49.02
C PHE D 162 4.75 -13.61 49.69
N ALA D 163 3.52 -13.37 50.11
CA ALA D 163 3.19 -12.16 50.84
C ALA D 163 3.73 -12.15 52.24
N THR D 164 4.10 -13.35 52.73
CA THR D 164 4.54 -13.49 54.13
C THR D 164 6.08 -13.66 54.21
N PRO D 165 6.66 -13.32 55.36
CA PRO D 165 8.06 -13.66 55.60
C PRO D 165 8.36 -15.12 55.49
N ARG D 166 7.46 -15.95 55.95
CA ARG D 166 7.62 -17.39 55.82
C ARG D 166 7.76 -17.84 54.37
N GLY D 167 7.00 -17.18 53.50
CA GLY D 167 7.03 -17.48 52.07
C GLY D 167 8.34 -17.07 51.42
N GLU D 168 8.90 -15.93 51.83
CA GLU D 168 10.20 -15.52 51.36
C GLU D 168 11.26 -16.57 51.79
N ALA D 169 11.21 -16.93 53.05
CA ALA D 169 12.15 -17.95 53.57
C ALA D 169 12.01 -19.33 52.87
N GLY D 170 10.79 -19.76 52.64
CA GLY D 170 10.53 -21.00 51.99
C GLY D 170 11.04 -20.98 50.55
N TYR D 171 10.71 -19.92 49.83
CA TYR D 171 11.14 -19.84 48.44
C TYR D 171 12.66 -19.80 48.34
N ARG D 172 13.33 -19.10 49.25
CA ARG D 172 14.77 -19.05 49.27
C ARG D 172 15.39 -20.40 49.64
N GLN D 173 14.85 -21.06 50.64
CA GLN D 173 15.44 -22.32 51.14
C GLN D 173 15.14 -23.50 50.27
N ASN D 174 14.01 -23.44 49.56
CA ASN D 174 13.44 -24.59 48.81
C ASN D 174 13.24 -24.23 47.32
N THR D 175 14.09 -23.38 46.77
CA THR D 175 13.78 -22.78 45.45
C THR D 175 13.54 -23.86 44.38
N HIS D 176 14.46 -24.80 44.30
CA HIS D 176 14.39 -25.85 43.31
CA HIS D 176 14.34 -25.83 43.30
C HIS D 176 13.12 -26.68 43.42
N ASP D 177 12.84 -27.19 44.63
CA ASP D 177 11.66 -27.99 44.83
C ASP D 177 10.35 -27.21 44.61
N PHE D 178 10.35 -25.95 45.06
CA PHE D 178 9.15 -25.08 44.93
C PHE D 178 8.87 -24.84 43.48
N ALA D 179 9.89 -24.41 42.73
CA ALA D 179 9.70 -24.10 41.31
C ALA D 179 9.31 -25.35 40.49
N LYS D 180 9.86 -26.49 40.84
CA LYS D 180 9.54 -27.70 40.10
C LYS D 180 8.08 -28.09 40.36
N PHE D 181 7.64 -27.93 41.60
CA PHE D 181 6.25 -28.19 41.91
C PHE D 181 5.33 -27.28 41.13
N ILE D 182 5.68 -25.99 41.10
CA ILE D 182 4.92 -25.04 40.27
C ILE D 182 4.91 -25.48 38.79
N TRP D 183 6.06 -25.91 38.22
CA TRP D 183 6.06 -26.33 36.83
C TRP D 183 5.07 -27.46 36.60
N HIS D 184 5.07 -28.42 37.52
CA HIS D 184 4.14 -29.55 37.41
C HIS D 184 2.69 -29.12 37.57
N GLN D 185 2.37 -28.18 38.48
CA GLN D 185 0.99 -27.69 38.65
C GLN D 185 0.52 -26.95 37.39
N ALA D 186 1.43 -26.16 36.82
CA ALA D 186 1.10 -25.29 35.71
C ALA D 186 0.95 -26.02 34.36
N SER D 187 1.69 -27.12 34.19
CA SER D 187 1.67 -27.90 32.96
C SER D 187 1.63 -29.40 33.38
N PRO D 188 0.50 -29.83 33.88
CA PRO D 188 0.40 -31.21 34.34
C PRO D 188 0.72 -32.30 33.35
N GLN D 189 0.59 -32.05 32.05
CA GLN D 189 0.88 -33.07 31.04
CA GLN D 189 0.87 -33.08 31.05
C GLN D 189 2.24 -32.88 30.39
N TRP D 190 3.05 -31.94 30.91
CA TRP D 190 4.39 -31.77 30.37
C TRP D 190 5.38 -32.65 31.09
N GLN D 191 5.87 -33.70 30.42
CA GLN D 191 6.82 -34.65 31.03
C GLN D 191 8.24 -34.17 30.85
N PHE D 192 8.54 -33.03 31.46
CA PHE D 192 9.88 -32.49 31.39
C PHE D 192 10.89 -33.33 32.18
N SER D 193 12.13 -33.43 31.67
CA SER D 193 13.17 -34.26 32.31
C SER D 193 13.78 -33.50 33.45
N ASP D 194 14.44 -34.21 34.35
CA ASP D 194 15.05 -33.54 35.48
C ASP D 194 16.12 -32.60 34.96
N ALA D 195 16.85 -33.02 33.93
CA ALA D 195 17.93 -32.19 33.36
C ALA D 195 17.37 -30.95 32.73
N THR D 196 16.22 -31.04 32.08
CA THR D 196 15.52 -29.85 31.52
C THR D 196 15.18 -28.90 32.65
N PHE D 197 14.59 -29.41 33.71
CA PHE D 197 14.27 -28.54 34.85
C PHE D 197 15.54 -27.94 35.44
N ALA D 198 16.57 -28.77 35.63
CA ALA D 198 17.78 -28.33 36.27
C ALA D 198 18.49 -27.24 35.52
N LYS D 199 18.44 -27.30 34.21
CA LYS D 199 19.06 -26.28 33.39
C LYS D 199 18.44 -24.88 33.65
N THR D 200 17.12 -24.82 33.82
CA THR D 200 16.49 -23.57 34.20
C THR D 200 16.65 -23.26 35.67
N ALA D 201 16.62 -24.27 36.55
CA ALA D 201 16.80 -24.04 37.96
C ALA D 201 18.10 -23.34 38.30
N ARG D 202 19.14 -23.58 37.50
CA ARG D 202 20.39 -22.89 37.68
C ARG D 202 20.20 -21.38 37.61
N ALA D 203 19.38 -20.95 36.69
CA ALA D 203 19.10 -19.50 36.53
C ALA D 203 18.22 -18.93 37.63
N LEU D 204 17.42 -19.77 38.32
CA LEU D 204 16.65 -19.39 39.47
C LEU D 204 17.50 -19.24 40.74
N ASP D 205 18.77 -19.65 40.72
CA ASP D 205 19.70 -19.40 41.79
C ASP D 205 20.32 -18.04 41.77
N ASN D 206 20.05 -17.22 40.73
CA ASN D 206 20.41 -15.82 40.74
C ASN D 206 20.16 -15.21 42.09
N PRO D 207 21.12 -14.47 42.65
CA PRO D 207 20.97 -13.92 43.99
C PRO D 207 19.83 -12.89 44.22
N ASP D 208 19.26 -12.37 43.13
CA ASP D 208 18.08 -11.53 43.23
C ASP D 208 16.77 -12.27 42.96
N HIS D 209 16.81 -13.53 42.55
CA HIS D 209 15.60 -14.21 42.09
C HIS D 209 14.47 -14.24 43.13
N VAL D 210 14.85 -14.52 44.39
CA VAL D 210 13.84 -14.56 45.43
C VAL D 210 13.29 -13.20 45.69
N ALA D 211 14.17 -12.19 45.82
CA ALA D 211 13.68 -10.86 46.07
C ALA D 211 12.72 -10.38 44.94
N ILE D 212 13.09 -10.64 43.66
CA ILE D 212 12.26 -10.22 42.56
C ILE D 212 10.90 -10.90 42.55
N THR D 213 10.91 -12.20 42.82
CA THR D 213 9.71 -13.01 42.91
C THR D 213 8.80 -12.47 43.97
N ILE D 214 9.33 -12.28 45.19
CA ILE D 214 8.46 -11.81 46.28
C ILE D 214 7.93 -10.42 45.98
N SER D 215 8.78 -9.55 45.39
CA SER D 215 8.35 -8.19 45.08
C SER D 215 7.24 -8.21 44.04
N ASN D 216 7.44 -9.04 42.97
CA ASN D 216 6.43 -9.17 41.94
C ASN D 216 5.06 -9.43 42.52
N TYR D 217 4.99 -10.44 43.38
CA TYR D 217 3.70 -10.89 43.95
C TYR D 217 3.20 -9.94 45.03
N ARG D 218 4.08 -9.37 45.79
CA ARG D 218 3.62 -8.39 46.74
C ARG D 218 3.09 -7.14 46.06
N TRP D 219 3.76 -6.69 45.00
CA TRP D 219 3.23 -5.53 44.29
C TRP D 219 1.86 -5.87 43.74
N ARG D 220 1.67 -7.06 43.18
CA ARG D 220 0.44 -7.41 42.54
C ARG D 220 -0.74 -7.34 43.50
N LEU D 221 -0.50 -7.67 44.74
CA LEU D 221 -1.51 -7.66 45.81
C LEU D 221 -1.66 -6.31 46.51
N GLY D 222 -0.90 -5.32 46.09
CA GLY D 222 -1.00 -4.02 46.71
C GLY D 222 -0.28 -3.90 47.99
N LEU D 223 0.69 -4.77 48.24
CA LEU D 223 1.42 -4.80 49.48
C LEU D 223 2.80 -4.18 49.42
N GLU D 224 3.15 -3.60 48.29
CA GLU D 224 4.45 -2.95 48.15
C GLU D 224 4.14 -1.73 47.30
N LYS D 225 4.80 -0.63 47.57
CA LYS D 225 4.64 0.57 46.80
C LYS D 225 5.74 0.51 45.75
N GLY D 226 5.46 0.87 44.57
CA GLY D 226 6.55 0.80 43.58
C GLY D 226 7.48 1.98 43.72
N GLU D 227 8.41 2.10 42.79
CA GLU D 227 9.32 3.24 42.77
C GLU D 227 8.73 4.43 42.03
N ALA D 228 9.14 5.62 42.48
CA ALA D 228 8.59 6.83 41.94
C ALA D 228 8.77 6.95 40.45
N LYS D 229 9.93 6.52 39.95
CA LYS D 229 10.20 6.66 38.55
C LYS D 229 9.32 5.78 37.64
N TYR D 230 8.62 4.80 38.20
CA TYR D 230 7.71 4.01 37.45
C TYR D 230 6.24 4.37 37.70
N ALA D 231 5.96 5.35 38.54
CA ALA D 231 4.58 5.57 38.99
C ALA D 231 3.74 6.09 37.78
N GLY D 232 4.32 6.88 36.89
CA GLY D 232 3.63 7.41 35.74
C GLY D 232 3.16 6.25 34.85
N TYR D 233 4.06 5.31 34.64
CA TYR D 233 3.70 4.13 33.83
C TYR D 233 2.59 3.37 34.52
N GLU D 234 2.68 3.17 35.83
CA GLU D 234 1.61 2.36 36.51
C GLU D 234 0.27 3.07 36.55
N GLN D 235 0.32 4.39 36.58
CA GLN D 235 -0.91 5.14 36.43
C GLN D 235 -1.59 4.93 35.06
N ARG D 236 -0.81 4.94 33.98
CA ARG D 236 -1.34 4.72 32.64
C ARG D 236 -1.90 3.28 32.53
N LEU D 237 -1.19 2.33 33.13
CA LEU D 237 -1.58 0.98 33.04
C LEU D 237 -2.83 0.70 33.82
N ALA D 238 -3.04 1.45 34.88
CA ALA D 238 -4.21 1.18 35.72
C ALA D 238 -5.52 1.43 35.01
N ALA D 239 -5.46 2.20 33.94
CA ALA D 239 -6.62 2.41 33.05
C ALA D 239 -6.92 1.20 32.17
N LEU D 240 -6.05 0.16 32.17
CA LEU D 240 -6.20 -1.01 31.33
C LEU D 240 -6.25 -0.60 29.83
N PRO D 241 -5.21 0.08 29.38
CA PRO D 241 -5.19 0.57 28.00
C PRO D 241 -5.21 -0.56 27.00
N PRO D 242 -5.90 -0.38 25.88
CA PRO D 242 -5.88 -1.43 24.86
C PRO D 242 -4.56 -1.48 24.11
N ILE D 243 -4.32 -2.60 23.49
CA ILE D 243 -3.13 -2.77 22.63
C ILE D 243 -3.59 -2.63 21.17
N THR D 244 -2.91 -1.76 20.42
CA THR D 244 -3.28 -1.40 19.10
C THR D 244 -2.51 -2.15 17.98
N VAL D 245 -1.46 -2.88 18.36
CA VAL D 245 -0.55 -3.46 17.40
C VAL D 245 -1.09 -4.83 17.00
N PRO D 246 -0.69 -5.36 15.88
CA PRO D 246 -1.13 -6.63 15.47
C PRO D 246 -0.72 -7.68 16.48
N THR D 247 -1.69 -8.50 16.89
CA THR D 247 -1.48 -9.41 18.00
C THR D 247 -2.06 -10.77 17.74
N ILE D 248 -1.32 -11.82 18.11
CA ILE D 248 -1.85 -13.13 18.22
C ILE D 248 -1.79 -13.57 19.68
N THR D 249 -2.93 -13.94 20.25
CA THR D 249 -2.96 -14.56 21.52
C THR D 249 -2.97 -16.09 21.37
N LEU D 250 -2.41 -16.77 22.36
CA LEU D 250 -2.34 -18.24 22.39
C LEU D 250 -2.81 -18.77 23.69
N GLU D 251 -3.47 -19.93 23.70
CA GLU D 251 -3.72 -20.60 24.92
C GLU D 251 -3.56 -22.09 24.72
N GLY D 252 -3.12 -22.80 25.75
CA GLY D 252 -2.94 -24.28 25.70
C GLY D 252 -4.13 -24.96 26.37
N ALA D 253 -4.50 -26.15 25.87
CA ALA D 253 -5.65 -26.84 26.42
C ALA D 253 -5.41 -27.44 27.81
N ASN D 254 -4.14 -27.64 28.17
CA ASN D 254 -3.83 -28.29 29.46
C ASN D 254 -3.05 -27.38 30.35
N ASN D 255 -3.43 -26.10 30.35
CA ASN D 255 -2.80 -25.12 31.22
C ASN D 255 -3.42 -25.19 32.58
N GLY D 256 -2.61 -25.58 33.58
CA GLY D 256 -3.07 -25.61 34.98
C GLY D 256 -2.97 -24.35 35.77
N ALA D 257 -2.31 -23.35 35.20
CA ALA D 257 -2.18 -22.08 35.87
C ALA D 257 -3.44 -21.25 35.62
N PRO D 258 -3.71 -20.26 36.49
CA PRO D 258 -4.84 -19.39 36.30
C PRO D 258 -4.76 -18.60 34.97
N HIS D 259 -5.84 -18.62 34.21
CA HIS D 259 -5.85 -17.88 32.93
C HIS D 259 -7.24 -17.46 32.56
N PRO D 260 -7.38 -16.28 31.90
CA PRO D 260 -8.72 -15.88 31.44
C PRO D 260 -9.27 -16.68 30.22
N ALA D 261 -10.59 -16.64 30.04
CA ALA D 261 -11.23 -17.14 28.84
C ALA D 261 -10.99 -16.16 27.67
N PRO D 262 -10.70 -16.68 26.46
CA PRO D 262 -10.37 -15.76 25.35
C PRO D 262 -11.41 -14.69 25.07
N ALA D 263 -12.70 -15.01 25.18
CA ALA D 263 -13.70 -13.97 24.93
C ALA D 263 -13.56 -12.77 25.89
N SER D 264 -13.02 -12.99 27.07
CA SER D 264 -12.84 -11.92 28.04
C SER D 264 -11.84 -10.88 27.66
N TYR D 265 -10.88 -11.22 26.80
CA TYR D 265 -9.86 -10.27 26.43
C TYR D 265 -9.84 -9.91 24.95
N ARG D 266 -10.83 -10.41 24.18
CA ARG D 266 -10.87 -10.10 22.75
C ARG D 266 -10.77 -8.58 22.53
N ALA D 267 -11.60 -7.85 23.26
CA ALA D 267 -11.76 -6.41 22.96
C ALA D 267 -10.64 -5.53 23.51
N LYS D 268 -9.64 -6.11 24.17
CA LYS D 268 -8.46 -5.36 24.59
C LYS D 268 -7.45 -5.18 23.47
N PHE D 269 -7.67 -5.82 22.33
CA PHE D 269 -6.77 -5.72 21.22
C PHE D 269 -7.53 -5.12 20.08
N THR D 270 -7.21 -3.87 19.80
CA THR D 270 -8.04 -3.04 18.95
C THR D 270 -7.56 -2.92 17.56
N GLY D 271 -6.47 -3.56 17.22
CA GLY D 271 -5.96 -3.63 15.84
C GLY D 271 -6.20 -4.96 15.18
N LYS D 272 -5.26 -5.38 14.36
CA LYS D 272 -5.33 -6.70 13.77
C LYS D 272 -5.17 -7.74 14.87
N TYR D 273 -5.90 -8.85 14.75
CA TYR D 273 -5.99 -9.78 15.86
C TYR D 273 -6.33 -11.18 15.44
N GLU D 274 -5.74 -12.14 16.14
CA GLU D 274 -6.15 -13.51 16.01
C GLU D 274 -5.92 -14.18 17.34
N HIS D 275 -6.82 -15.08 17.73
CA HIS D 275 -6.59 -15.94 18.84
C HIS D 275 -6.38 -17.38 18.37
N ARG D 276 -5.41 -18.08 18.96
CA ARG D 276 -5.21 -19.52 18.65
C ARG D 276 -5.20 -20.36 19.89
N ASP D 277 -6.09 -21.36 19.91
CA ASP D 277 -6.03 -22.42 20.91
C ASP D 277 -5.12 -23.52 20.41
N LEU D 278 -4.08 -23.83 21.15
CA LEU D 278 -3.13 -24.81 20.73
C LEU D 278 -3.62 -26.17 21.16
N PRO D 279 -3.80 -27.10 20.20
CA PRO D 279 -4.25 -28.43 20.63
C PRO D 279 -3.14 -29.18 21.36
N GLY D 280 -3.51 -29.99 22.37
CA GLY D 280 -2.68 -31.06 22.91
C GLY D 280 -2.35 -31.03 24.38
N ALA D 281 -1.18 -31.53 24.71
CA ALA D 281 -0.69 -31.59 26.09
C ALA D 281 -0.19 -30.22 26.53
N VAL D 282 -0.41 -29.17 25.70
CA VAL D 282 0.26 -27.84 25.93
C VAL D 282 -0.34 -27.14 27.14
N GLY D 283 0.55 -26.77 28.06
CA GLY D 283 0.20 -26.11 29.29
C GLY D 283 0.53 -24.61 29.32
N HIS D 284 1.17 -24.25 30.42
CA HIS D 284 1.48 -22.84 30.77
C HIS D 284 2.67 -22.27 30.00
N ASN D 285 3.50 -23.12 29.37
CA ASN D 285 4.68 -22.67 28.67
C ASN D 285 4.67 -23.14 27.24
N PRO D 286 3.89 -22.46 26.38
CA PRO D 286 3.87 -22.86 25.01
C PRO D 286 5.20 -22.84 24.26
N PRO D 287 6.07 -21.85 24.50
CA PRO D 287 7.26 -21.92 23.65
C PRO D 287 8.14 -23.10 23.98
N GLN D 288 8.23 -23.49 25.25
CA GLN D 288 9.10 -24.61 25.64
C GLN D 288 8.44 -25.94 25.31
N GLU D 289 7.12 -25.99 25.49
CA GLU D 289 6.33 -27.18 25.31
C GLU D 289 5.92 -27.47 23.84
N ASP D 290 5.68 -26.42 23.06
CA ASP D 290 5.30 -26.52 21.66
C ASP D 290 5.98 -25.47 20.81
N PRO D 291 7.32 -25.63 20.66
CA PRO D 291 8.06 -24.58 19.93
C PRO D 291 7.64 -24.41 18.51
N THR D 292 7.27 -25.52 17.84
CA THR D 292 6.82 -25.42 16.43
C THR D 292 5.61 -24.51 16.23
N ALA D 293 4.59 -24.69 17.06
CA ALA D 293 3.41 -23.84 17.01
C ALA D 293 3.75 -22.38 17.44
N PHE D 294 4.66 -22.22 18.40
CA PHE D 294 5.03 -20.84 18.86
C PHE D 294 5.79 -20.09 17.79
N VAL D 295 6.75 -20.77 17.10
CA VAL D 295 7.43 -20.12 15.97
C VAL D 295 6.41 -19.64 14.96
N GLN D 296 5.46 -20.50 14.62
CA GLN D 296 4.48 -20.18 13.61
C GLN D 296 3.65 -18.94 14.00
N ALA D 297 3.33 -18.85 15.27
CA ALA D 297 2.64 -17.68 15.80
C ALA D 297 3.45 -16.39 15.68
N VAL D 298 4.75 -16.48 15.96
CA VAL D 298 5.59 -15.32 15.78
C VAL D 298 5.65 -14.87 14.33
N VAL D 299 5.90 -15.83 13.41
CA VAL D 299 5.95 -15.54 11.99
CA VAL D 299 6.00 -15.43 12.01
C VAL D 299 4.64 -14.92 11.52
N ASP D 300 3.56 -15.55 11.91
CA ASP D 300 2.24 -15.08 11.47
C ASP D 300 1.90 -13.69 12.00
N ALA D 301 2.27 -13.43 13.25
CA ALA D 301 1.99 -12.11 13.81
C ALA D 301 2.81 -11.07 13.11
N ASP D 302 4.06 -11.41 12.76
CA ASP D 302 4.96 -10.50 12.06
C ASP D 302 4.43 -10.12 10.68
N ARG D 303 3.65 -11.00 10.09
CA ARG D 303 3.11 -10.78 8.73
C ARG D 303 1.65 -10.33 8.72
N LEU D 304 0.97 -10.21 9.86
CA LEU D 304 -0.40 -9.62 9.86
C LEU D 304 -0.39 -8.24 9.26
#